data_5EX5
#
_entry.id   5EX5
#
_cell.length_a   55.270
_cell.length_b   74.709
_cell.length_c   88.722
_cell.angle_alpha   90.000
_cell.angle_beta   98.380
_cell.angle_gamma   90.000
#
_symmetry.space_group_name_H-M   'P 1 21 1'
#
loop_
_entity.id
_entity.type
_entity.pdbx_description
1 polymer '78 kDa glucose-regulated protein'
2 non-polymer 'MAGNESIUM ION'
3 non-polymer 'PHOSPHATE ION'
4 non-polymer "7-deazaadenosine-5'-diphosphate"
5 water water
#
_entity_poly.entity_id   1
_entity_poly.type   'polypeptide(L)'
_entity_poly.pdbx_seq_one_letter_code
;MHHHHHHSSGRENLYFQGDVGTVVGIDLGTTYSCVGVFKNGRVEIIANDQGNRITPSYVAFTPEGERLIGDAAKNQLTSN
PENTVFDAKRLIGRTWNDPSVQQDIKFLPFKVVEKKTKPYIQVDIGGGQTKTFAPEEISAMVLTKMKETAEAYLGKKVTH
AVVTVPAYFNDAQRQATKDAGTIAGLNVMRIINEPTAAAIAYGLDKREGEKNILVFDLGGGTFDVSLLTIDNGVFEVVAT
NGDTHLGGEDFDQRVMEHFIKLYKKKTGKDVRKDNRAVQKLRREVEKAKRALSSQHQARIEIESFYEGEDFSETLTRAKF
EELNMDLFRSTMKPVQKVLEDSDLKKSDIDEIVLVGGSTRIPKIQQLVKEFFNGKEPSRGINPDEAVAYGAAVQAGVLSG
;
_entity_poly.pdbx_strand_id   A,B
#
# COMPACT_ATOMS: atom_id res chain seq x y z
N ASP A 19 -8.95 -3.43 27.03
CA ASP A 19 -9.47 -3.74 25.66
C ASP A 19 -9.75 -2.44 24.91
N VAL A 20 -8.83 -2.06 24.04
CA VAL A 20 -8.96 -0.79 23.30
C VAL A 20 -10.01 -0.83 22.19
N GLY A 21 -10.54 -2.01 21.87
CA GLY A 21 -11.59 -2.15 20.85
C GLY A 21 -11.08 -1.73 19.49
N THR A 22 -11.94 -1.12 18.67
CA THR A 22 -11.52 -0.59 17.38
C THR A 22 -11.07 0.83 17.57
N VAL A 23 -9.77 1.06 17.40
CA VAL A 23 -9.18 2.37 17.57
C VAL A 23 -9.43 3.15 16.29
N VAL A 24 -9.82 4.40 16.43
CA VAL A 24 -10.07 5.25 15.25
C VAL A 24 -8.92 6.21 15.04
N GLY A 25 -8.74 6.64 13.80
CA GLY A 25 -7.78 7.65 13.44
C GLY A 25 -8.47 8.95 13.07
N ILE A 26 -8.13 10.02 13.78
CA ILE A 26 -8.82 11.29 13.62
C ILE A 26 -7.88 12.39 13.23
N ASP A 27 -8.16 13.01 12.08
CA ASP A 27 -7.60 14.31 11.70
C ASP A 27 -8.52 15.38 12.33
N LEU A 28 -8.04 16.04 13.38
CA LEU A 28 -8.80 17.11 14.02
C LEU A 28 -8.29 18.39 13.38
N GLY A 29 -9.03 18.90 12.40
CA GLY A 29 -8.55 19.99 11.55
C GLY A 29 -8.95 21.38 11.99
N THR A 30 -8.17 22.36 11.56
CA THR A 30 -8.55 23.73 11.78
C THR A 30 -9.93 24.05 11.24
N THR A 31 -10.19 23.67 9.98
CA THR A 31 -11.49 23.97 9.33
C THR A 31 -12.30 22.69 9.06
N TYR A 32 -11.63 21.59 8.71
CA TYR A 32 -12.32 20.31 8.45
C TYR A 32 -11.59 19.16 9.11
N SER A 33 -12.37 18.26 9.68
CA SER A 33 -11.89 17.06 10.29
C SER A 33 -12.34 15.81 9.52
N CYS A 34 -11.67 14.70 9.80
CA CYS A 34 -11.86 13.47 9.08
C CYS A 34 -11.54 12.31 10.00
N VAL A 35 -12.25 11.21 9.83
CA VAL A 35 -12.06 10.05 10.66
C VAL A 35 -12.04 8.79 9.85
N GLY A 36 -11.12 7.89 10.21
CA GLY A 36 -11.04 6.62 9.56
C GLY A 36 -10.78 5.47 10.51
N VAL A 37 -10.99 4.27 10.00
CA VAL A 37 -10.72 3.05 10.72
C VAL A 37 -10.17 1.97 9.81
N PHE A 38 -9.47 1.03 10.43
CA PHE A 38 -8.90 -0.06 9.71
C PHE A 38 -9.84 -1.24 9.88
N LYS A 39 -10.42 -1.71 8.78
CA LYS A 39 -11.43 -2.76 8.85
C LYS A 39 -11.29 -3.64 7.62
N ASN A 40 -11.34 -4.95 7.83
CA ASN A 40 -11.21 -5.92 6.74
C ASN A 40 -10.00 -5.67 5.86
N GLY A 41 -8.86 -5.38 6.49
CA GLY A 41 -7.58 -5.33 5.78
C GLY A 41 -7.26 -4.00 5.09
N ARG A 42 -8.10 -2.98 5.26
CA ARG A 42 -7.80 -1.67 4.67
C ARG A 42 -8.37 -0.53 5.48
N VAL A 43 -7.87 0.67 5.24
CA VAL A 43 -8.41 1.87 5.85
C VAL A 43 -9.75 2.22 5.18
N GLU A 44 -10.75 2.52 6.01
CA GLU A 44 -12.04 3.02 5.57
C GLU A 44 -12.24 4.42 6.11
N ILE A 45 -12.42 5.38 5.22
CA ILE A 45 -12.71 6.75 5.63
C ILE A 45 -14.22 6.85 5.80
N ILE A 46 -14.66 7.36 6.92
CA ILE A 46 -16.08 7.24 7.27
C ILE A 46 -16.86 8.53 6.98
N ALA A 47 -17.98 8.38 6.28
CA ALA A 47 -18.84 9.51 5.98
C ALA A 47 -19.71 9.83 7.19
N ASN A 48 -19.94 11.11 7.43
CA ASN A 48 -20.81 11.55 8.52
C ASN A 48 -22.29 11.43 8.18
N ASP A 49 -23.16 11.84 9.09
CA ASP A 49 -24.61 11.66 8.89
C ASP A 49 -25.21 12.53 7.76
N GLN A 50 -24.44 13.50 7.25
CA GLN A 50 -24.83 14.26 6.07
C GLN A 50 -24.21 13.70 4.78
N GLY A 51 -23.46 12.61 4.91
CA GLY A 51 -22.91 11.88 3.75
C GLY A 51 -21.55 12.40 3.32
N ASN A 52 -20.93 13.22 4.15
CA ASN A 52 -19.62 13.79 3.82
C ASN A 52 -18.46 13.09 4.51
N ARG A 53 -17.39 12.88 3.76
CA ARG A 53 -16.20 12.19 4.29
C ARG A 53 -15.26 13.15 5.04
N ILE A 54 -15.59 14.45 5.03
CA ILE A 54 -15.00 15.41 5.95
C ILE A 54 -16.10 16.23 6.64
N THR A 55 -15.77 16.76 7.80
CA THR A 55 -16.73 17.40 8.72
C THR A 55 -16.14 18.74 9.17
N PRO A 56 -16.91 19.83 9.00
CA PRO A 56 -16.36 21.13 9.45
C PRO A 56 -16.18 21.23 10.97
N SER A 57 -15.09 21.84 11.41
CA SER A 57 -14.79 21.96 12.83
C SER A 57 -15.53 23.17 13.40
N TYR A 58 -16.85 23.04 13.46
CA TYR A 58 -17.78 24.14 13.54
C TYR A 58 -18.87 23.83 14.57
N VAL A 59 -19.19 24.81 15.38
CA VAL A 59 -20.25 24.70 16.38
C VAL A 59 -21.20 25.89 16.25
N ALA A 60 -22.49 25.63 16.50
CA ALA A 60 -23.53 26.66 16.50
C ALA A 60 -24.69 26.22 17.37
N PHE A 61 -25.65 27.13 17.55
CA PHE A 61 -26.82 26.87 18.41
C PHE A 61 -28.13 27.27 17.75
N THR A 62 -29.16 26.50 18.03
CA THR A 62 -30.50 26.83 17.58
C THR A 62 -31.10 27.83 18.57
N PRO A 63 -32.19 28.49 18.16
CA PRO A 63 -32.95 29.36 19.05
C PRO A 63 -33.44 28.63 20.31
N GLU A 64 -33.66 27.33 20.18
CA GLU A 64 -34.15 26.51 21.29
C GLU A 64 -33.00 26.08 22.20
N GLY A 65 -31.77 26.43 21.84
CA GLY A 65 -30.61 26.11 22.63
C GLY A 65 -30.02 24.76 22.33
N GLU A 66 -30.33 24.18 21.17
CA GLU A 66 -29.72 22.93 20.77
C GLU A 66 -28.36 23.22 20.16
N ARG A 67 -27.35 22.47 20.61
CA ARG A 67 -26.01 22.60 20.04
C ARG A 67 -25.91 21.83 18.72
N LEU A 68 -25.43 22.52 17.68
CA LEU A 68 -25.17 21.93 16.39
C LEU A 68 -23.65 21.79 16.21
N ILE A 69 -23.24 20.73 15.55
CA ILE A 69 -21.83 20.47 15.29
C ILE A 69 -21.69 20.00 13.85
N GLY A 70 -20.66 20.49 13.17
CA GLY A 70 -20.32 20.00 11.85
C GLY A 70 -21.07 20.75 10.77
N ASP A 71 -21.48 20.00 9.76
CA ASP A 71 -22.17 20.57 8.61
C ASP A 71 -23.41 21.33 9.06
N ALA A 72 -24.17 20.76 9.99
CA ALA A 72 -25.39 21.43 10.43
C ALA A 72 -25.10 22.80 11.03
N ALA A 73 -23.96 22.95 11.70
CA ALA A 73 -23.60 24.21 12.33
C ALA A 73 -23.17 25.22 11.29
N LYS A 74 -22.29 24.78 10.40
CA LYS A 74 -21.78 25.63 9.35
C LYS A 74 -22.88 26.05 8.38
N ASN A 75 -23.84 25.17 8.14
CA ASN A 75 -24.91 25.43 7.19
C ASN A 75 -26.08 26.25 7.75
N GLN A 76 -26.16 26.38 9.07
CA GLN A 76 -27.29 27.11 9.65
C GLN A 76 -27.18 28.56 9.26
N LEU A 77 -28.22 29.08 8.62
CA LEU A 77 -28.26 30.49 8.26
C LEU A 77 -28.48 31.30 9.53
N THR A 78 -27.74 32.41 9.66
CA THR A 78 -27.75 33.22 10.89
C THR A 78 -27.40 34.66 10.57
N SER A 79 -27.99 35.58 11.34
CA SER A 79 -27.57 36.98 11.36
C SER A 79 -26.56 37.24 12.50
N ASN A 80 -26.27 36.19 13.28
CA ASN A 80 -25.42 36.29 14.47
C ASN A 80 -24.21 35.38 14.41
N PRO A 81 -23.22 35.71 13.53
CA PRO A 81 -21.99 34.93 13.50
C PRO A 81 -21.21 34.94 14.82
N GLU A 82 -21.47 35.93 15.68
CA GLU A 82 -20.79 36.00 16.98
C GLU A 82 -21.09 34.76 17.87
N ASN A 83 -22.19 34.08 17.60
CA ASN A 83 -22.56 32.90 18.38
C ASN A 83 -22.26 31.56 17.67
N THR A 84 -21.46 31.60 16.61
CA THR A 84 -20.87 30.41 16.04
C THR A 84 -19.44 30.28 16.58
N VAL A 85 -18.92 29.06 16.63
CA VAL A 85 -17.56 28.84 17.08
C VAL A 85 -16.88 27.98 16.02
N PHE A 86 -15.67 28.40 15.65
CA PHE A 86 -14.87 27.74 14.64
C PHE A 86 -13.42 28.20 14.83
N ASP A 87 -12.48 27.58 14.12
CA ASP A 87 -11.06 27.92 14.28
C ASP A 87 -10.52 27.83 15.74
N ALA A 88 -11.13 27.00 16.59
CA ALA A 88 -10.65 26.79 17.95
C ALA A 88 -9.21 26.22 17.98
N LYS A 89 -8.82 25.52 16.93
CA LYS A 89 -7.47 24.98 16.86
C LYS A 89 -6.42 26.10 16.86
N ARG A 90 -6.79 27.31 16.45
CA ARG A 90 -5.88 28.45 16.53
C ARG A 90 -5.62 28.89 17.97
N LEU A 91 -6.51 28.51 18.89
CA LEU A 91 -6.45 28.88 20.30
C LEU A 91 -6.01 27.76 21.23
N ILE A 92 -6.21 26.52 20.81
CA ILE A 92 -5.99 25.37 21.67
C ILE A 92 -4.53 25.30 22.20
N GLY A 93 -4.40 25.03 23.49
CA GLY A 93 -3.09 24.95 24.13
C GLY A 93 -2.28 26.23 24.23
N ARG A 94 -2.93 27.38 24.07
CA ARG A 94 -2.25 28.68 24.13
C ARG A 94 -2.80 29.48 25.29
N THR A 95 -1.99 30.39 25.81
CA THR A 95 -2.46 31.27 26.84
C THR A 95 -3.19 32.47 26.21
N TRP A 96 -4.01 33.11 27.03
CA TRP A 96 -4.74 34.32 26.62
C TRP A 96 -3.81 35.39 26.10
N ASN A 97 -2.69 35.64 26.79
CA ASN A 97 -1.76 36.71 26.37
C ASN A 97 -0.73 36.30 25.30
N ASP A 98 -0.79 35.06 24.82
CA ASP A 98 0.02 34.65 23.66
C ASP A 98 -0.19 35.71 22.53
N PRO A 99 0.91 36.30 22.01
CA PRO A 99 0.72 37.26 20.90
C PRO A 99 -0.09 36.70 19.71
N SER A 100 0.04 35.41 19.44
CA SER A 100 -0.72 34.72 18.37
C SER A 100 -2.24 34.78 18.63
N VAL A 101 -2.62 34.55 19.88
CA VAL A 101 -4.03 34.60 20.29
C VAL A 101 -4.53 36.03 20.16
N GLN A 102 -3.74 36.99 20.65
CA GLN A 102 -4.18 38.38 20.66
C GLN A 102 -4.33 38.90 19.23
N GLN A 103 -3.51 38.40 18.30
CA GLN A 103 -3.69 38.74 16.89
C GLN A 103 -4.92 38.01 16.30
N ASP A 104 -5.05 36.71 16.55
CA ASP A 104 -6.14 35.93 15.95
C ASP A 104 -7.53 36.41 16.39
N ILE A 105 -7.64 36.89 17.62
CA ILE A 105 -8.97 37.30 18.08
C ILE A 105 -9.51 38.52 17.32
N LYS A 106 -8.62 39.30 16.69
CA LYS A 106 -9.06 40.40 15.86
C LYS A 106 -9.95 39.94 14.71
N PHE A 107 -9.75 38.71 14.25
CA PHE A 107 -10.45 38.18 13.07
C PHE A 107 -11.56 37.21 13.41
N LEU A 108 -11.79 36.95 14.69
CA LEU A 108 -12.80 35.99 15.05
C LEU A 108 -14.06 36.75 15.48
N PRO A 109 -15.25 36.36 14.97
CA PRO A 109 -16.47 37.12 15.25
C PRO A 109 -17.03 36.86 16.64
N PHE A 110 -16.61 35.78 17.28
CA PHE A 110 -17.09 35.40 18.62
C PHE A 110 -16.21 35.99 19.70
N LYS A 111 -16.80 36.20 20.87
CA LYS A 111 -16.10 36.78 22.01
C LYS A 111 -15.10 35.77 22.59
N VAL A 112 -13.88 36.24 22.83
CA VAL A 112 -12.84 35.47 23.50
C VAL A 112 -12.42 36.25 24.74
N VAL A 113 -12.44 35.57 25.88
CA VAL A 113 -12.21 36.21 27.18
C VAL A 113 -11.15 35.45 27.96
N GLU A 114 -10.40 36.17 28.79
CA GLU A 114 -9.38 35.58 29.63
C GLU A 114 -10.04 34.83 30.80
N LYS A 115 -9.76 33.55 30.91
CA LYS A 115 -10.22 32.79 32.06
C LYS A 115 -9.20 31.71 32.38
N LYS A 116 -8.78 31.67 33.64
CA LYS A 116 -7.78 30.70 34.11
C LYS A 116 -6.54 30.70 33.21
N THR A 117 -6.09 31.91 32.86
CA THR A 117 -4.92 32.15 31.98
C THR A 117 -5.16 31.91 30.50
N LYS A 118 -6.34 31.39 30.14
CA LYS A 118 -6.59 30.90 28.79
C LYS A 118 -7.63 31.74 28.05
N PRO A 119 -7.66 31.63 26.72
CA PRO A 119 -8.68 32.28 25.90
C PRO A 119 -9.95 31.41 25.79
N TYR A 120 -10.90 31.62 26.67
CA TYR A 120 -12.16 30.91 26.62
C TYR A 120 -13.06 31.60 25.61
N ILE A 121 -14.00 30.85 25.04
CA ILE A 121 -14.92 31.36 24.03
C ILE A 121 -16.28 31.58 24.71
N GLN A 122 -16.84 32.79 24.54
CA GLN A 122 -18.12 33.14 25.16
C GLN A 122 -19.16 33.35 24.09
N VAL A 123 -20.24 32.60 24.15
CA VAL A 123 -21.33 32.71 23.17
C VAL A 123 -22.70 32.66 23.85
N ASP A 124 -23.69 33.27 23.20
CA ASP A 124 -25.08 33.07 23.60
C ASP A 124 -25.65 31.89 22.79
N ILE A 125 -26.33 30.99 23.48
CA ILE A 125 -26.73 29.72 22.89
C ILE A 125 -28.25 29.58 22.70
N GLY A 126 -29.04 30.55 23.13
CA GLY A 126 -30.49 30.46 23.10
C GLY A 126 -31.12 30.87 24.42
N GLY A 127 -32.25 31.56 24.32
CA GLY A 127 -33.02 31.93 25.48
C GLY A 127 -32.29 32.91 26.39
N GLY A 128 -31.31 33.63 25.83
CA GLY A 128 -30.50 34.56 26.62
C GLY A 128 -29.44 33.91 27.50
N GLN A 129 -29.22 32.60 27.33
CA GLN A 129 -28.24 31.89 28.14
C GLN A 129 -26.85 32.07 27.53
N THR A 130 -25.87 32.32 28.39
CA THR A 130 -24.49 32.51 27.97
C THR A 130 -23.63 31.36 28.48
N LYS A 131 -22.73 30.89 27.62
CA LYS A 131 -21.82 29.81 27.94
C LYS A 131 -20.41 30.27 27.63
N THR A 132 -19.49 29.79 28.44
CA THR A 132 -18.07 30.03 28.24
C THR A 132 -17.37 28.66 28.10
N PHE A 133 -16.57 28.50 27.05
CA PHE A 133 -15.93 27.21 26.72
C PHE A 133 -14.43 27.36 26.54
N ALA A 134 -13.65 26.47 27.11
CA ALA A 134 -12.22 26.43 26.83
C ALA A 134 -12.05 25.96 25.38
N PRO A 135 -10.96 26.37 24.73
CA PRO A 135 -10.73 25.85 23.40
C PRO A 135 -10.80 24.31 23.32
N GLU A 136 -10.26 23.62 24.32
CA GLU A 136 -10.30 22.15 24.31
C GLU A 136 -11.73 21.58 24.41
N GLU A 137 -12.62 22.31 25.08
CA GLU A 137 -14.03 21.93 25.13
C GLU A 137 -14.71 22.04 23.76
N ILE A 138 -14.36 23.06 23.00
CA ILE A 138 -14.86 23.17 21.62
C ILE A 138 -14.30 22.02 20.79
N SER A 139 -13.00 21.80 20.91
CA SER A 139 -12.39 20.72 20.14
C SER A 139 -12.95 19.36 20.60
N ALA A 140 -13.31 19.25 21.87
CA ALA A 140 -13.96 18.03 22.36
C ALA A 140 -15.33 17.78 21.72
N MET A 141 -16.06 18.86 21.40
CA MET A 141 -17.32 18.74 20.67
C MET A 141 -17.13 18.18 19.29
N VAL A 142 -16.08 18.65 18.61
CA VAL A 142 -15.77 18.16 17.29
C VAL A 142 -15.35 16.69 17.32
N LEU A 143 -14.47 16.36 18.25
CA LEU A 143 -14.08 14.97 18.49
C LEU A 143 -15.27 14.07 18.79
N THR A 144 -16.21 14.55 19.60
CA THR A 144 -17.43 13.80 19.88
C THR A 144 -18.22 13.51 18.60
N LYS A 145 -18.32 14.50 17.74
CA LYS A 145 -18.95 14.31 16.44
C LYS A 145 -18.18 13.26 15.62
N MET A 146 -16.86 13.28 15.65
CA MET A 146 -16.07 12.33 14.83
C MET A 146 -16.23 10.90 15.40
N LYS A 147 -16.31 10.83 16.72
CA LYS A 147 -16.54 9.58 17.44
C LYS A 147 -17.90 9.00 17.05
N GLU A 148 -18.95 9.80 17.14
CA GLU A 148 -20.30 9.39 16.73
C GLU A 148 -20.38 8.95 15.27
N THR A 149 -19.66 9.66 14.42
CA THR A 149 -19.52 9.24 13.02
C THR A 149 -18.97 7.81 12.90
N ALA A 150 -17.89 7.53 13.62
CA ALA A 150 -17.26 6.21 13.62
C ALA A 150 -18.17 5.17 14.23
N GLU A 151 -18.81 5.55 15.32
CA GLU A 151 -19.71 4.62 16.02
C GLU A 151 -20.91 4.18 15.18
N ALA A 152 -21.48 5.10 14.42
CA ALA A 152 -22.57 4.76 13.50
C ALA A 152 -22.08 3.79 12.43
N TYR A 153 -20.87 4.00 11.93
CA TYR A 153 -20.29 3.13 10.91
C TYR A 153 -20.03 1.70 11.46
N LEU A 154 -19.40 1.62 12.63
CA LEU A 154 -18.97 0.35 13.21
C LEU A 154 -20.10 -0.41 13.90
N GLY A 155 -21.16 0.30 14.25
CA GLY A 155 -22.26 -0.34 14.99
C GLY A 155 -21.91 -0.70 16.42
N LYS A 156 -20.99 0.04 17.02
CA LYS A 156 -20.56 -0.16 18.40
C LYS A 156 -19.82 1.08 18.94
N LYS A 157 -19.61 1.13 20.25
CA LYS A 157 -18.89 2.28 20.85
C LYS A 157 -17.39 2.24 20.55
N VAL A 158 -16.79 3.42 20.50
CA VAL A 158 -15.37 3.63 20.29
C VAL A 158 -14.86 4.29 21.56
N THR A 159 -13.71 3.83 22.07
CA THR A 159 -13.11 4.39 23.28
C THR A 159 -11.71 4.98 23.12
N HIS A 160 -11.02 4.63 22.03
CA HIS A 160 -9.60 4.96 21.84
C HIS A 160 -9.39 5.54 20.46
N ALA A 161 -8.44 6.45 20.36
CA ALA A 161 -8.14 7.11 19.11
C ALA A 161 -6.67 7.45 18.97
N VAL A 162 -6.25 7.52 17.72
CA VAL A 162 -5.02 8.17 17.34
C VAL A 162 -5.45 9.51 16.74
N VAL A 163 -4.85 10.60 17.23
CA VAL A 163 -5.21 11.93 16.79
C VAL A 163 -4.00 12.66 16.27
N THR A 164 -4.18 13.43 15.20
CA THR A 164 -3.05 14.11 14.59
C THR A 164 -3.02 15.58 14.99
N VAL A 165 -1.82 16.17 14.92
CA VAL A 165 -1.62 17.57 15.22
C VAL A 165 -0.59 18.13 14.23
N PRO A 166 -0.62 19.45 14.00
CA PRO A 166 0.44 19.99 13.15
C PRO A 166 1.84 19.76 13.74
N ALA A 167 2.85 19.62 12.89
CA ALA A 167 4.18 19.33 13.36
C ALA A 167 4.74 20.43 14.28
N TYR A 168 4.28 21.68 14.11
CA TYR A 168 4.78 22.79 14.92
C TYR A 168 4.10 22.85 16.31
N PHE A 169 3.11 22.00 16.57
CA PHE A 169 2.44 21.97 17.89
C PHE A 169 3.48 21.70 18.98
N ASN A 170 3.39 22.48 20.05
CA ASN A 170 4.30 22.38 21.19
C ASN A 170 3.70 21.48 22.30
N ASP A 171 4.34 21.38 23.46
CA ASP A 171 3.86 20.45 24.52
C ASP A 171 2.42 20.76 24.99
N ALA A 172 2.11 22.04 25.23
CA ALA A 172 0.80 22.43 25.75
C ALA A 172 -0.30 22.18 24.72
N GLN A 173 0.02 22.40 23.45
CA GLN A 173 -0.95 22.18 22.38
C GLN A 173 -1.28 20.68 22.20
N ARG A 174 -0.25 19.83 22.29
CA ARG A 174 -0.42 18.38 22.22
C ARG A 174 -1.23 17.87 23.41
N GLN A 175 -0.86 18.32 24.60
CA GLN A 175 -1.58 17.97 25.83
C GLN A 175 -3.03 18.44 25.79
N ALA A 176 -3.27 19.64 25.29
CA ALA A 176 -4.65 20.16 25.24
C ALA A 176 -5.51 19.36 24.23
N THR A 177 -4.89 18.84 23.16
CA THR A 177 -5.57 17.98 22.21
C THR A 177 -5.96 16.64 22.88
N LYS A 178 -5.02 16.05 23.62
CA LYS A 178 -5.30 14.87 24.45
C LYS A 178 -6.43 15.14 25.44
N ASP A 179 -6.39 16.30 26.08
CA ASP A 179 -7.46 16.71 27.02
C ASP A 179 -8.84 16.85 26.34
N ALA A 180 -8.86 17.37 25.13
CA ALA A 180 -10.09 17.43 24.33
C ALA A 180 -10.62 16.01 24.06
N GLY A 181 -9.74 15.09 23.69
CA GLY A 181 -10.09 13.66 23.63
C GLY A 181 -10.78 13.19 24.90
N THR A 182 -10.16 13.50 26.03
CA THR A 182 -10.64 13.01 27.30
C THR A 182 -12.05 13.54 27.60
N ILE A 183 -12.30 14.81 27.29
CA ILE A 183 -13.63 15.37 27.48
C ILE A 183 -14.66 14.64 26.59
N ALA A 184 -14.24 14.28 25.38
CA ALA A 184 -15.06 13.58 24.41
C ALA A 184 -15.24 12.07 24.71
N GLY A 185 -14.62 11.59 25.76
CA GLY A 185 -14.69 10.18 26.11
C GLY A 185 -13.78 9.30 25.28
N LEU A 186 -12.76 9.91 24.69
CA LEU A 186 -11.77 9.20 23.91
C LEU A 186 -10.46 9.19 24.69
N ASN A 187 -9.90 8.00 24.82
CA ASN A 187 -8.52 7.86 25.24
C ASN A 187 -7.62 8.08 24.00
N VAL A 188 -6.94 9.21 23.95
CA VAL A 188 -6.03 9.50 22.85
C VAL A 188 -4.69 8.81 23.09
N MET A 189 -4.53 7.67 22.43
CA MET A 189 -3.43 6.74 22.70
C MET A 189 -2.13 7.23 22.17
N ARG A 190 -2.18 7.87 21.00
CA ARG A 190 -1.04 8.48 20.35
C ARG A 190 -1.42 9.79 19.67
N ILE A 191 -0.57 10.79 19.83
CA ILE A 191 -0.63 12.00 19.02
C ILE A 191 0.47 11.88 17.96
N ILE A 192 0.15 12.03 16.67
CA ILE A 192 1.17 11.97 15.61
C ILE A 192 1.13 13.22 14.74
N ASN A 193 2.24 13.57 14.14
CA ASN A 193 2.29 14.79 13.34
C ASN A 193 1.56 14.60 12.03
N GLU A 194 0.85 15.64 11.60
CA GLU A 194 0.08 15.62 10.36
C GLU A 194 0.88 15.23 9.15
N PRO A 195 2.00 15.93 8.88
CA PRO A 195 2.72 15.51 7.67
C PRO A 195 3.24 14.07 7.70
N THR A 196 3.60 13.62 8.90
CA THR A 196 4.03 12.25 9.09
C THR A 196 2.91 11.26 8.76
N ALA A 197 1.74 11.49 9.33
CA ALA A 197 0.55 10.70 9.02
C ALA A 197 0.27 10.64 7.51
N ALA A 198 0.41 11.77 6.83
CA ALA A 198 0.24 11.77 5.38
C ALA A 198 1.23 10.84 4.69
N ALA A 199 2.49 10.89 5.12
CA ALA A 199 3.53 10.04 4.54
C ALA A 199 3.24 8.55 4.79
N ILE A 200 2.74 8.27 6.00
CA ILE A 200 2.38 6.90 6.41
C ILE A 200 1.26 6.37 5.51
N ALA A 201 0.30 7.24 5.20
CA ALA A 201 -0.83 6.92 4.33
C ALA A 201 -0.33 6.42 2.99
N TYR A 202 0.75 7.02 2.51
CA TYR A 202 1.38 6.61 1.28
C TYR A 202 2.45 5.52 1.44
N GLY A 203 2.58 4.96 2.63
CA GLY A 203 3.54 3.88 2.85
C GLY A 203 5.00 4.27 2.65
N LEU A 204 5.33 5.55 2.85
CA LEU A 204 6.70 6.02 2.67
C LEU A 204 7.59 5.58 3.84
N ASP A 205 6.99 5.17 4.94
CA ASP A 205 7.72 4.66 6.11
C ASP A 205 8.21 3.24 5.88
N LYS A 206 7.58 2.54 4.94
CA LYS A 206 7.88 1.14 4.65
C LYS A 206 8.87 0.99 3.52
N ARG A 207 9.79 1.96 3.41
CA ARG A 207 10.78 1.96 2.33
C ARG A 207 12.18 1.94 2.92
N GLU A 208 13.14 1.50 2.11
CA GLU A 208 14.51 1.37 2.58
C GLU A 208 15.36 2.59 2.19
N GLY A 209 16.40 2.82 2.97
CA GLY A 209 17.31 3.93 2.71
C GLY A 209 16.83 5.23 3.32
N GLU A 210 17.54 6.29 3.00
CA GLU A 210 17.37 7.59 3.64
C GLU A 210 16.72 8.51 2.61
N LYS A 211 15.51 9.00 2.88
CA LYS A 211 14.80 9.83 1.90
C LYS A 211 14.34 11.17 2.47
N ASN A 212 14.34 12.18 1.62
CA ASN A 212 13.79 13.51 1.93
C ASN A 212 12.38 13.67 1.33
N ILE A 213 11.41 13.98 2.19
CA ILE A 213 10.01 14.10 1.79
C ILE A 213 9.51 15.51 2.02
N LEU A 214 9.03 16.16 0.97
CA LEU A 214 8.40 17.46 1.09
C LEU A 214 6.87 17.29 1.14
N VAL A 215 6.28 17.67 2.27
CA VAL A 215 4.84 17.64 2.42
C VAL A 215 4.27 19.04 2.23
N PHE A 216 3.42 19.20 1.22
CA PHE A 216 2.79 20.46 0.86
C PHE A 216 1.30 20.34 1.21
N ASP A 217 0.89 21.03 2.30
CA ASP A 217 -0.46 20.89 2.89
C ASP A 217 -1.21 22.20 2.82
N LEU A 218 -2.05 22.33 1.81
CA LEU A 218 -2.82 23.53 1.58
C LEU A 218 -4.29 23.17 1.84
N GLY A 219 -4.80 23.68 2.96
CA GLY A 219 -6.12 23.34 3.48
C GLY A 219 -7.14 24.45 3.35
N GLY A 220 -8.01 24.57 4.34
CA GLY A 220 -9.09 25.53 4.30
C GLY A 220 -8.68 26.91 4.79
N GLY A 221 -8.01 26.96 5.94
CA GLY A 221 -7.51 28.23 6.49
C GLY A 221 -6.01 28.38 6.68
N THR A 222 -5.28 27.28 6.58
CA THR A 222 -3.88 27.23 6.87
C THR A 222 -3.09 26.58 5.70
N PHE A 223 -1.84 26.92 5.61
CA PHE A 223 -0.90 26.34 4.63
C PHE A 223 0.32 25.91 5.43
N ASP A 224 0.65 24.61 5.41
CA ASP A 224 1.83 24.07 6.10
C ASP A 224 2.72 23.32 5.10
N VAL A 225 4.00 23.65 5.12
CA VAL A 225 4.99 22.92 4.35
C VAL A 225 5.95 22.32 5.34
N SER A 226 6.26 21.04 5.16
CA SER A 226 7.12 20.30 6.07
C SER A 226 8.15 19.51 5.25
N LEU A 227 9.40 19.59 5.69
CA LEU A 227 10.45 18.70 5.17
C LEU A 227 10.68 17.60 6.22
N LEU A 228 10.37 16.37 5.82
CA LEU A 228 10.61 15.19 6.64
C LEU A 228 11.77 14.38 6.08
N THR A 229 12.53 13.74 6.95
CA THR A 229 13.41 12.66 6.53
C THR A 229 12.89 11.34 7.10
N ILE A 230 13.06 10.28 6.33
CA ILE A 230 12.65 8.94 6.74
C ILE A 230 13.90 8.09 6.66
N ASP A 231 14.19 7.38 7.73
CA ASP A 231 15.31 6.47 7.78
C ASP A 231 14.95 5.36 8.76
N ASN A 232 14.89 4.13 8.27
CA ASN A 232 14.64 2.94 9.11
C ASN A 232 13.32 2.98 9.87
N GLY A 233 12.29 3.50 9.20
CA GLY A 233 10.93 3.57 9.76
C GLY A 233 10.68 4.71 10.72
N VAL A 234 11.69 5.57 10.91
CA VAL A 234 11.59 6.71 11.82
C VAL A 234 11.65 8.03 11.03
N PHE A 235 10.61 8.84 11.23
CA PHE A 235 10.51 10.14 10.61
C PHE A 235 11.17 11.18 11.50
N GLU A 236 11.81 12.16 10.87
CA GLU A 236 12.29 13.36 11.57
C GLU A 236 11.73 14.57 10.82
N VAL A 237 11.10 15.48 11.54
CA VAL A 237 10.64 16.75 10.96
C VAL A 237 11.82 17.70 11.01
N VAL A 238 12.42 17.96 9.86
CA VAL A 238 13.63 18.75 9.79
C VAL A 238 13.31 20.24 9.86
N ALA A 239 12.35 20.68 9.06
CA ALA A 239 11.94 22.08 9.03
C ALA A 239 10.47 22.21 8.64
N THR A 240 9.82 23.27 9.15
CA THR A 240 8.46 23.59 8.79
C THR A 240 8.31 25.07 8.43
N ASN A 241 7.32 25.38 7.62
CA ASN A 241 7.03 26.75 7.24
C ASN A 241 5.60 26.79 6.67
N GLY A 242 5.21 27.92 6.10
CA GLY A 242 3.89 28.05 5.49
C GLY A 242 3.29 29.40 5.76
N ASP A 243 1.97 29.42 5.95
CA ASP A 243 1.26 30.63 6.21
C ASP A 243 0.04 30.22 7.02
N THR A 244 -0.08 30.80 8.20
CA THR A 244 -1.16 30.45 9.15
C THR A 244 -2.53 30.93 8.71
N HIS A 245 -2.56 31.87 7.75
CA HIS A 245 -3.81 32.42 7.20
C HIS A 245 -3.78 32.48 5.67
N LEU A 246 -3.56 31.33 5.07
CA LEU A 246 -3.74 31.15 3.65
C LEU A 246 -4.36 29.77 3.44
N GLY A 247 -5.46 29.74 2.72
CA GLY A 247 -6.03 28.47 2.26
C GLY A 247 -7.21 28.69 1.36
N GLY A 248 -7.98 27.63 1.16
CA GLY A 248 -9.13 27.69 0.30
C GLY A 248 -10.18 28.73 0.65
N GLU A 249 -10.31 29.08 1.93
CA GLU A 249 -11.20 30.18 2.33
C GLU A 249 -10.80 31.47 1.63
N ASP A 250 -9.50 31.66 1.48
CA ASP A 250 -9.03 32.87 0.81
C ASP A 250 -9.36 32.84 -0.66
N PHE A 251 -9.28 31.67 -1.27
CA PHE A 251 -9.65 31.54 -2.70
C PHE A 251 -11.15 31.78 -2.87
N ASP A 252 -11.96 31.29 -1.92
CA ASP A 252 -13.39 31.55 -1.94
C ASP A 252 -13.65 33.05 -1.88
N GLN A 253 -12.96 33.75 -0.98
CA GLN A 253 -13.22 35.19 -0.78
C GLN A 253 -12.89 36.00 -2.03
N ARG A 254 -11.84 35.60 -2.77
CA ARG A 254 -11.53 36.29 -4.04
C ARG A 254 -12.71 36.14 -5.01
N VAL A 255 -13.35 34.98 -5.02
CA VAL A 255 -14.51 34.73 -5.87
C VAL A 255 -15.73 35.50 -5.37
N MET A 256 -15.95 35.49 -4.05
N MET A 256 -15.95 35.50 -4.05
CA MET A 256 -17.01 36.30 -3.44
CA MET A 256 -17.05 36.27 -3.49
C MET A 256 -16.89 37.75 -3.87
C MET A 256 -16.91 37.77 -3.83
N GLU A 257 -15.71 38.33 -3.67
CA GLU A 257 -15.43 39.74 -4.06
C GLU A 257 -15.85 40.00 -5.51
N HIS A 258 -15.41 39.12 -6.40
CA HIS A 258 -15.75 39.15 -7.82
C HIS A 258 -17.26 39.20 -8.08
N PHE A 259 -18.03 38.31 -7.47
CA PHE A 259 -19.48 38.33 -7.68
C PHE A 259 -20.19 39.48 -6.96
N ILE A 260 -19.73 39.82 -5.76
CA ILE A 260 -20.30 40.94 -5.02
C ILE A 260 -20.16 42.24 -5.85
N LYS A 261 -19.00 42.44 -6.46
CA LYS A 261 -18.77 43.58 -7.32
C LYS A 261 -19.63 43.56 -8.59
N LEU A 262 -19.71 42.40 -9.25
CA LEU A 262 -20.52 42.25 -10.46
C LEU A 262 -22.01 42.51 -10.17
N TYR A 263 -22.52 42.00 -9.05
CA TYR A 263 -23.92 42.22 -8.66
C TYR A 263 -24.24 43.70 -8.41
N LYS A 264 -23.33 44.38 -7.71
CA LYS A 264 -23.40 45.84 -7.50
C LYS A 264 -23.39 46.61 -8.83
N LYS A 265 -22.59 46.14 -9.78
CA LYS A 265 -22.46 46.78 -11.08
C LYS A 265 -23.73 46.58 -11.92
N LYS A 266 -24.38 45.43 -11.75
CA LYS A 266 -25.65 45.18 -12.44
C LYS A 266 -26.83 45.89 -11.78
N THR A 267 -26.94 45.76 -10.46
CA THR A 267 -28.14 46.16 -9.73
C THR A 267 -28.04 47.45 -8.95
N GLY A 268 -26.82 47.95 -8.74
CA GLY A 268 -26.61 49.11 -7.86
C GLY A 268 -26.66 48.77 -6.36
N LYS A 269 -26.83 47.50 -6.02
CA LYS A 269 -26.96 47.10 -4.60
C LYS A 269 -25.71 46.39 -4.11
N ASP A 270 -25.31 46.68 -2.87
CA ASP A 270 -24.23 45.93 -2.20
C ASP A 270 -24.84 44.89 -1.26
N VAL A 271 -24.58 43.62 -1.53
CA VAL A 271 -25.24 42.53 -0.82
C VAL A 271 -24.69 42.22 0.58
N ARG A 272 -23.53 42.79 0.93
CA ARG A 272 -22.92 42.56 2.26
C ARG A 272 -23.77 43.06 3.44
N LYS A 273 -24.75 43.92 3.16
CA LYS A 273 -25.68 44.39 4.19
C LYS A 273 -26.43 43.22 4.84
N ASP A 274 -26.61 42.13 4.10
CA ASP A 274 -27.36 40.97 4.58
C ASP A 274 -26.46 39.75 4.80
N ASN A 275 -26.20 39.40 6.06
CA ASN A 275 -25.30 38.27 6.37
C ASN A 275 -25.79 36.94 5.79
N ARG A 276 -27.11 36.78 5.71
CA ARG A 276 -27.67 35.56 5.16
C ARG A 276 -27.34 35.47 3.67
N ALA A 277 -27.41 36.58 2.96
CA ALA A 277 -27.08 36.60 1.54
C ALA A 277 -25.62 36.25 1.32
N VAL A 278 -24.74 36.84 2.12
CA VAL A 278 -23.32 36.56 2.04
C VAL A 278 -23.07 35.10 2.33
N GLN A 279 -23.74 34.58 3.35
CA GLN A 279 -23.65 33.17 3.71
C GLN A 279 -24.10 32.24 2.56
N LYS A 280 -25.26 32.53 1.97
CA LYS A 280 -25.75 31.73 0.84
C LYS A 280 -24.74 31.73 -0.29
N LEU A 281 -24.21 32.91 -0.62
CA LEU A 281 -23.27 33.06 -1.72
C LEU A 281 -21.95 32.33 -1.43
N ARG A 282 -21.48 32.44 -0.20
CA ARG A 282 -20.29 31.72 0.18
C ARG A 282 -20.45 30.19 0.00
N ARG A 283 -21.60 29.65 0.40
CA ARG A 283 -21.84 28.20 0.29
C ARG A 283 -21.80 27.79 -1.18
N GLU A 284 -22.50 28.54 -2.03
CA GLU A 284 -22.51 28.21 -3.47
C GLU A 284 -21.16 28.42 -4.14
N VAL A 285 -20.43 29.46 -3.72
CA VAL A 285 -19.12 29.70 -4.27
C VAL A 285 -18.16 28.56 -3.95
N GLU A 286 -18.19 28.09 -2.72
CA GLU A 286 -17.32 27.00 -2.32
C GLU A 286 -17.65 25.72 -3.10
N LYS A 287 -18.94 25.44 -3.28
CA LYS A 287 -19.37 24.31 -4.10
C LYS A 287 -18.89 24.44 -5.56
N ALA A 288 -18.99 25.64 -6.14
CA ALA A 288 -18.52 25.86 -7.52
C ALA A 288 -17.01 25.67 -7.65
N LYS A 289 -16.28 26.20 -6.66
CA LYS A 289 -14.84 26.01 -6.60
C LYS A 289 -14.48 24.53 -6.66
N ARG A 290 -15.16 23.73 -5.85
CA ARG A 290 -14.90 22.29 -5.82
C ARG A 290 -15.22 21.67 -7.17
N ALA A 291 -16.33 22.08 -7.76
CA ALA A 291 -16.72 21.54 -9.07
C ALA A 291 -15.66 21.86 -10.11
N LEU A 292 -15.07 23.05 -10.00
CA LEU A 292 -14.04 23.46 -10.94
C LEU A 292 -12.69 22.73 -10.83
N SER A 293 -12.52 21.89 -9.82
CA SER A 293 -11.37 20.99 -9.82
C SER A 293 -11.56 19.79 -10.75
N SER A 294 -12.80 19.55 -11.21
CA SER A 294 -13.03 18.45 -12.15
C SER A 294 -13.79 18.81 -13.43
N GLN A 295 -14.21 20.06 -13.58
CA GLN A 295 -14.85 20.53 -14.81
C GLN A 295 -14.45 21.98 -15.05
N HIS A 296 -14.76 22.50 -16.24
CA HIS A 296 -14.21 23.77 -16.66
C HIS A 296 -15.11 24.96 -16.43
N GLN A 297 -16.38 24.69 -16.11
CA GLN A 297 -17.37 25.73 -15.79
C GLN A 297 -18.30 25.24 -14.71
N ALA A 298 -18.75 26.17 -13.87
CA ALA A 298 -19.73 25.87 -12.83
C ALA A 298 -20.78 26.98 -12.77
N ARG A 299 -22.03 26.61 -12.50
CA ARG A 299 -23.12 27.58 -12.34
C ARG A 299 -23.34 27.87 -10.84
N ILE A 300 -23.55 29.14 -10.52
CA ILE A 300 -23.89 29.54 -9.17
C ILE A 300 -25.32 30.06 -9.22
N GLU A 301 -26.22 29.41 -8.50
CA GLU A 301 -27.62 29.83 -8.47
C GLU A 301 -28.18 29.89 -7.06
N ILE A 302 -28.90 30.97 -6.76
CA ILE A 302 -29.48 31.19 -5.44
C ILE A 302 -30.84 31.86 -5.59
N GLU A 303 -31.89 31.18 -5.16
CA GLU A 303 -33.23 31.78 -5.17
C GLU A 303 -33.33 32.71 -3.97
N SER A 304 -34.06 33.81 -4.15
CA SER A 304 -34.24 34.82 -3.10
C SER A 304 -32.90 35.18 -2.48
N PHE A 305 -31.99 35.62 -3.33
CA PHE A 305 -30.64 35.95 -2.91
C PHE A 305 -30.65 37.20 -2.06
N TYR A 306 -31.10 38.30 -2.66
CA TYR A 306 -31.08 39.61 -2.02
C TYR A 306 -32.26 40.41 -2.51
N GLU A 307 -33.04 40.94 -1.57
CA GLU A 307 -34.24 41.72 -1.88
C GLU A 307 -35.20 41.00 -2.83
N GLY A 308 -35.36 39.69 -2.61
CA GLY A 308 -36.30 38.89 -3.39
C GLY A 308 -35.91 38.68 -4.85
N GLU A 309 -34.67 39.00 -5.20
CA GLU A 309 -34.17 38.82 -6.55
C GLU A 309 -33.29 37.58 -6.54
N ASP A 310 -33.36 36.79 -7.61
CA ASP A 310 -32.56 35.56 -7.69
C ASP A 310 -31.18 35.89 -8.24
N PHE A 311 -30.24 35.00 -7.98
CA PHE A 311 -28.88 35.14 -8.45
C PHE A 311 -28.58 33.95 -9.35
N SER A 312 -27.95 34.22 -10.48
CA SER A 312 -27.57 33.19 -11.45
C SER A 312 -26.38 33.65 -12.27
N GLU A 313 -25.22 33.07 -12.00
CA GLU A 313 -23.98 33.41 -12.70
C GLU A 313 -23.17 32.13 -12.90
N THR A 314 -22.20 32.19 -13.80
CA THR A 314 -21.33 31.08 -14.06
C THR A 314 -19.92 31.52 -13.72
N LEU A 315 -19.08 30.54 -13.41
CA LEU A 315 -17.67 30.76 -13.18
C LEU A 315 -16.90 29.72 -13.99
N THR A 316 -15.95 30.18 -14.79
CA THR A 316 -15.04 29.27 -15.50
C THR A 316 -13.80 28.96 -14.67
N ARG A 317 -13.18 27.82 -14.96
CA ARG A 317 -11.93 27.47 -14.32
C ARG A 317 -10.88 28.53 -14.57
N ALA A 318 -10.81 29.03 -15.80
CA ALA A 318 -9.84 30.07 -16.15
C ALA A 318 -10.01 31.31 -15.27
N LYS A 319 -11.26 31.69 -15.00
CA LYS A 319 -11.52 32.91 -14.26
C LYS A 319 -11.21 32.69 -12.79
N PHE A 320 -11.59 31.53 -12.25
CA PHE A 320 -11.18 31.16 -10.90
C PHE A 320 -9.66 31.25 -10.71
N GLU A 321 -8.93 30.75 -11.70
CA GLU A 321 -7.47 30.77 -11.67
C GLU A 321 -6.96 32.20 -11.72
N GLU A 322 -7.45 32.99 -12.68
CA GLU A 322 -7.06 34.39 -12.79
C GLU A 322 -7.28 35.18 -11.50
N LEU A 323 -8.40 34.91 -10.81
CA LEU A 323 -8.74 35.64 -9.59
C LEU A 323 -7.79 35.30 -8.42
N ASN A 324 -7.15 34.13 -8.48
CA ASN A 324 -6.33 33.64 -7.36
C ASN A 324 -4.85 33.42 -7.67
N MET A 325 -4.44 33.79 -8.87
CA MET A 325 -3.12 33.37 -9.37
C MET A 325 -1.99 33.86 -8.46
N ASP A 326 -2.07 35.11 -8.02
CA ASP A 326 -1.06 35.64 -7.08
C ASP A 326 -1.01 34.83 -5.78
N LEU A 327 -2.16 34.45 -5.24
CA LEU A 327 -2.19 33.67 -3.99
C LEU A 327 -1.62 32.26 -4.23
N PHE A 328 -1.95 31.67 -5.37
CA PHE A 328 -1.41 30.35 -5.75
C PHE A 328 0.10 30.38 -5.85
N ARG A 329 0.61 31.41 -6.52
CA ARG A 329 2.04 31.55 -6.68
C ARG A 329 2.75 31.83 -5.37
N SER A 330 2.06 32.49 -4.42
CA SER A 330 2.68 32.79 -3.12
C SER A 330 3.00 31.54 -2.29
N THR A 331 2.38 30.41 -2.62
CA THR A 331 2.65 29.17 -1.86
C THR A 331 4.04 28.59 -2.07
N MET A 332 4.75 29.02 -3.13
CA MET A 332 6.09 28.51 -3.41
C MET A 332 7.18 29.10 -2.50
N LYS A 333 6.97 30.31 -1.99
CA LYS A 333 7.95 30.97 -1.13
C LYS A 333 8.24 30.17 0.18
N PRO A 334 7.18 29.70 0.89
CA PRO A 334 7.46 28.83 2.04
C PRO A 334 8.16 27.52 1.71
N VAL A 335 7.92 26.98 0.51
CA VAL A 335 8.62 25.78 0.05
C VAL A 335 10.11 26.08 -0.15
N GLN A 336 10.43 27.18 -0.83
CA GLN A 336 11.82 27.56 -0.97
C GLN A 336 12.49 27.78 0.41
N LYS A 337 11.77 28.37 1.36
CA LYS A 337 12.34 28.59 2.72
C LYS A 337 12.64 27.29 3.48
N VAL A 338 11.73 26.30 3.43
CA VAL A 338 11.99 25.04 4.13
C VAL A 338 13.17 24.31 3.50
N LEU A 339 13.35 24.46 2.20
CA LEU A 339 14.51 23.89 1.52
C LEU A 339 15.81 24.50 2.02
N GLU A 340 15.88 25.84 2.00
CA GLU A 340 17.04 26.56 2.54
C GLU A 340 17.32 26.18 4.00
N ASP A 341 16.28 26.17 4.82
CA ASP A 341 16.43 25.78 6.24
C ASP A 341 16.84 24.30 6.47
N SER A 342 16.53 23.43 5.52
CA SER A 342 16.94 22.02 5.57
C SER A 342 18.33 21.77 4.91
N ASP A 343 18.96 22.82 4.38
CA ASP A 343 20.22 22.70 3.62
C ASP A 343 20.05 21.74 2.42
N LEU A 344 18.91 21.87 1.74
CA LEU A 344 18.56 21.04 0.58
C LEU A 344 18.25 21.89 -0.63
N LYS A 345 18.49 21.29 -1.80
CA LYS A 345 18.04 21.82 -3.11
C LYS A 345 16.83 21.00 -3.61
N LYS A 346 16.13 21.52 -4.62
CA LYS A 346 14.96 20.85 -5.21
C LYS A 346 15.21 19.39 -5.57
N SER A 347 16.39 19.11 -6.10
CA SER A 347 16.76 17.76 -6.54
C SER A 347 17.09 16.80 -5.40
N ASP A 348 17.23 17.32 -4.18
CA ASP A 348 17.39 16.47 -3.00
C ASP A 348 16.03 15.87 -2.55
N ILE A 349 14.92 16.40 -3.08
CA ILE A 349 13.59 15.90 -2.67
C ILE A 349 13.27 14.62 -3.45
N ASP A 350 13.00 13.56 -2.69
CA ASP A 350 12.76 12.23 -3.25
C ASP A 350 11.25 11.94 -3.37
N GLU A 351 10.46 12.57 -2.50
CA GLU A 351 9.00 12.38 -2.51
C GLU A 351 8.30 13.69 -2.27
N ILE A 352 7.25 13.97 -3.04
CA ILE A 352 6.40 15.12 -2.83
C ILE A 352 5.00 14.61 -2.47
N VAL A 353 4.51 15.01 -1.31
CA VAL A 353 3.19 14.58 -0.83
C VAL A 353 2.29 15.81 -0.75
N LEU A 354 1.17 15.75 -1.50
CA LEU A 354 0.12 16.78 -1.48
C LEU A 354 -0.95 16.44 -0.46
N VAL A 355 -1.18 17.36 0.44
CA VAL A 355 -2.17 17.18 1.50
C VAL A 355 -3.06 18.38 1.51
N GLY A 356 -4.32 18.19 1.92
CA GLY A 356 -5.24 19.28 2.07
C GLY A 356 -6.13 19.46 0.88
N GLY A 357 -7.36 19.86 1.15
CA GLY A 357 -8.40 19.92 0.14
C GLY A 357 -8.11 20.79 -1.07
N SER A 358 -7.34 21.86 -0.87
CA SER A 358 -7.05 22.85 -1.90
C SER A 358 -6.01 22.32 -2.87
N THR A 359 -5.32 21.24 -2.51
CA THR A 359 -4.41 20.58 -3.46
C THR A 359 -5.16 19.78 -4.51
N ARG A 360 -6.50 19.72 -4.44
CA ARG A 360 -7.31 19.19 -5.53
C ARG A 360 -7.39 20.17 -6.72
N ILE A 361 -7.00 21.42 -6.49
CA ILE A 361 -7.03 22.44 -7.52
C ILE A 361 -5.96 22.12 -8.58
N PRO A 362 -6.39 21.92 -9.84
CA PRO A 362 -5.42 21.58 -10.91
C PRO A 362 -4.25 22.57 -10.99
N LYS A 363 -4.53 23.86 -10.87
CA LYS A 363 -3.46 24.84 -10.96
C LYS A 363 -2.46 24.66 -9.83
N ILE A 364 -2.92 24.33 -8.63
CA ILE A 364 -1.99 24.10 -7.51
C ILE A 364 -1.08 22.91 -7.84
N GLN A 365 -1.68 21.82 -8.28
CA GLN A 365 -0.89 20.64 -8.69
C GLN A 365 0.14 21.00 -9.72
N GLN A 366 -0.30 21.71 -10.75
CA GLN A 366 0.59 22.18 -11.79
C GLN A 366 1.76 23.02 -11.25
N LEU A 367 1.49 24.01 -10.42
CA LEU A 367 2.55 24.90 -9.93
C LEU A 367 3.56 24.15 -9.02
N VAL A 368 3.07 23.23 -8.19
CA VAL A 368 3.98 22.37 -7.39
C VAL A 368 4.90 21.51 -8.30
N LYS A 369 4.33 20.90 -9.34
CA LYS A 369 5.10 20.04 -10.23
C LYS A 369 6.16 20.87 -10.99
N GLU A 370 5.76 22.05 -11.44
CA GLU A 370 6.69 22.97 -12.13
C GLU A 370 7.79 23.48 -11.19
N PHE A 371 7.43 23.74 -9.95
CA PHE A 371 8.42 24.14 -8.94
C PHE A 371 9.50 23.06 -8.88
N PHE A 372 9.08 21.81 -8.83
CA PHE A 372 10.01 20.69 -8.82
C PHE A 372 10.40 20.14 -10.19
N ASN A 373 10.36 21.01 -11.21
CA ASN A 373 10.92 20.69 -12.54
C ASN A 373 10.33 19.40 -13.15
N GLY A 374 9.02 19.22 -13.02
CA GLY A 374 8.33 18.09 -13.63
C GLY A 374 8.19 16.83 -12.78
N LYS A 375 8.69 16.83 -11.54
CA LYS A 375 8.52 15.65 -10.67
C LYS A 375 7.07 15.45 -10.24
N GLU A 376 6.54 14.24 -10.43
CA GLU A 376 5.15 13.96 -10.04
C GLU A 376 5.08 13.70 -8.55
N PRO A 377 4.02 14.17 -7.91
CA PRO A 377 3.82 13.89 -6.52
C PRO A 377 3.24 12.50 -6.26
N SER A 378 3.22 12.07 -4.99
CA SER A 378 2.46 10.85 -4.62
C SER A 378 0.97 11.03 -5.01
N ARG A 379 0.28 9.93 -5.38
CA ARG A 379 -1.11 10.01 -5.87
C ARG A 379 -1.87 8.80 -5.42
N GLY A 380 -3.18 8.96 -5.18
CA GLY A 380 -4.03 7.81 -4.91
C GLY A 380 -4.83 7.94 -3.64
N ILE A 381 -4.49 8.89 -2.80
CA ILE A 381 -5.28 9.13 -1.61
C ILE A 381 -5.84 10.54 -1.69
N ASN A 382 -7.13 10.68 -1.40
CA ASN A 382 -7.76 12.01 -1.40
C ASN A 382 -6.99 12.91 -0.41
N PRO A 383 -6.51 14.08 -0.86
CA PRO A 383 -5.62 14.89 -0.04
C PRO A 383 -6.23 15.41 1.27
N ASP A 384 -7.55 15.62 1.30
CA ASP A 384 -8.22 16.03 2.53
C ASP A 384 -8.49 14.85 3.47
N GLU A 385 -8.19 13.64 3.03
CA GLU A 385 -8.33 12.43 3.82
C GLU A 385 -7.01 11.83 4.29
N ALA A 386 -5.91 12.24 3.68
CA ALA A 386 -4.61 11.57 3.86
C ALA A 386 -4.10 11.60 5.32
N VAL A 387 -4.42 12.65 6.06
CA VAL A 387 -4.02 12.73 7.46
C VAL A 387 -4.76 11.69 8.28
N ALA A 388 -6.08 11.66 8.18
CA ALA A 388 -6.89 10.65 8.87
C ALA A 388 -6.50 9.25 8.43
N TYR A 389 -6.23 9.08 7.13
CA TYR A 389 -5.81 7.78 6.57
C TYR A 389 -4.60 7.21 7.31
N GLY A 390 -3.54 8.03 7.41
CA GLY A 390 -2.34 7.68 8.18
C GLY A 390 -2.62 7.37 9.64
N ALA A 391 -3.47 8.17 10.26
CA ALA A 391 -3.83 7.90 11.65
C ALA A 391 -4.51 6.53 11.79
N ALA A 392 -5.33 6.23 10.80
CA ALA A 392 -6.07 4.99 10.74
C ALA A 392 -5.16 3.81 10.55
N VAL A 393 -4.14 3.98 9.72
CA VAL A 393 -3.15 2.91 9.56
C VAL A 393 -2.57 2.55 10.92
N GLN A 394 -2.17 3.55 11.70
CA GLN A 394 -1.59 3.29 13.01
C GLN A 394 -2.62 2.72 13.96
N ALA A 395 -3.86 3.24 13.87
CA ALA A 395 -4.93 2.73 14.72
C ALA A 395 -5.22 1.23 14.46
N GLY A 396 -5.08 0.82 13.21
CA GLY A 396 -5.20 -0.59 12.84
C GLY A 396 -4.25 -1.49 13.61
N VAL A 397 -2.99 -1.07 13.65
CA VAL A 397 -1.96 -1.82 14.38
C VAL A 397 -2.32 -1.91 15.87
N LEU A 398 -2.76 -0.79 16.45
CA LEU A 398 -3.12 -0.72 17.87
C LEU A 398 -4.38 -1.51 18.22
N SER A 399 -5.29 -1.67 17.24
CA SER A 399 -6.52 -2.44 17.44
C SER A 399 -6.20 -3.94 17.49
N GLY A 400 -5.13 -4.36 16.82
CA GLY A 400 -4.71 -5.75 16.79
C GLY A 400 -5.38 -6.54 15.69
N VAL B 20 -13.00 -20.89 11.58
CA VAL B 20 -11.87 -20.88 10.60
C VAL B 20 -10.52 -20.44 11.18
N GLY B 21 -10.53 -19.83 12.36
CA GLY B 21 -9.30 -19.34 13.00
C GLY B 21 -8.57 -18.32 12.13
N THR B 22 -7.24 -18.43 12.06
CA THR B 22 -6.43 -17.55 11.23
C THR B 22 -6.17 -18.30 9.93
N VAL B 23 -6.75 -17.79 8.84
CA VAL B 23 -6.60 -18.39 7.54
C VAL B 23 -5.19 -18.09 7.05
N VAL B 24 -4.54 -19.05 6.42
CA VAL B 24 -3.23 -18.79 5.84
C VAL B 24 -3.30 -18.59 4.33
N GLY B 25 -2.33 -17.84 3.80
CA GLY B 25 -2.15 -17.70 2.37
C GLY B 25 -0.94 -18.51 1.95
N ILE B 26 -1.14 -19.44 1.00
CA ILE B 26 -0.08 -20.32 0.53
C ILE B 26 0.14 -20.22 -0.96
N ASP B 27 1.39 -19.96 -1.32
CA ASP B 27 1.89 -20.13 -2.67
C ASP B 27 2.45 -21.54 -2.71
N LEU B 28 1.76 -22.43 -3.44
CA LEU B 28 2.19 -23.81 -3.60
C LEU B 28 2.93 -23.83 -4.93
N GLY B 29 4.25 -23.71 -4.85
CA GLY B 29 5.10 -23.50 -6.03
C GLY B 29 5.64 -24.77 -6.65
N THR B 30 5.96 -24.69 -7.94
CA THR B 30 6.56 -25.80 -8.63
C THR B 30 7.88 -26.19 -7.96
N THR B 31 8.72 -25.20 -7.64
CA THR B 31 10.00 -25.48 -6.98
C THR B 31 10.08 -24.96 -5.53
N TYR B 32 9.50 -23.81 -5.25
CA TYR B 32 9.51 -23.20 -3.91
C TYR B 32 8.12 -22.70 -3.53
N SER B 33 7.74 -23.00 -2.30
CA SER B 33 6.47 -22.59 -1.73
C SER B 33 6.70 -21.55 -0.60
N CYS B 34 5.65 -20.84 -0.25
CA CYS B 34 5.74 -19.71 0.66
C CYS B 34 4.39 -19.57 1.35
N VAL B 35 4.40 -19.21 2.63
CA VAL B 35 3.18 -19.07 3.42
C VAL B 35 3.20 -17.77 4.21
N GLY B 36 2.02 -17.13 4.23
CA GLY B 36 1.82 -15.85 4.85
C GLY B 36 0.52 -15.81 5.64
N VAL B 37 0.49 -14.92 6.62
CA VAL B 37 -0.73 -14.59 7.35
C VAL B 37 -0.84 -13.08 7.52
N PHE B 38 -2.04 -12.62 7.84
CA PHE B 38 -2.29 -11.22 8.13
C PHE B 38 -2.43 -11.11 9.65
N LYS B 39 -1.50 -10.40 10.29
CA LYS B 39 -1.53 -10.19 11.74
C LYS B 39 -1.20 -8.75 12.06
N ASN B 40 -1.94 -8.20 13.02
CA ASN B 40 -1.70 -6.85 13.51
C ASN B 40 -1.54 -5.80 12.39
N GLY B 41 -2.41 -5.88 11.38
CA GLY B 41 -2.48 -4.86 10.34
C GLY B 41 -1.58 -4.97 9.13
N ARG B 42 -0.83 -6.07 9.02
CA ARG B 42 0.01 -6.30 7.87
C ARG B 42 0.21 -7.78 7.59
N VAL B 43 0.70 -8.06 6.40
CA VAL B 43 1.06 -9.42 6.03
C VAL B 43 2.41 -9.73 6.70
N GLU B 44 2.51 -10.95 7.21
CA GLU B 44 3.74 -11.50 7.76
C GLU B 44 4.05 -12.76 6.97
N ILE B 45 5.20 -12.77 6.30
CA ILE B 45 5.65 -13.96 5.59
C ILE B 45 6.43 -14.77 6.63
N ILE B 46 6.05 -16.03 6.79
CA ILE B 46 6.56 -16.83 7.91
C ILE B 46 7.76 -17.68 7.51
N ALA B 47 8.83 -17.57 8.26
CA ALA B 47 10.01 -18.41 8.05
C ALA B 47 9.77 -19.84 8.52
N ASN B 48 10.33 -20.80 7.79
CA ASN B 48 10.30 -22.20 8.24
C ASN B 48 11.37 -22.49 9.32
N ASP B 49 11.47 -23.77 9.70
CA ASP B 49 12.36 -24.20 10.77
C ASP B 49 13.86 -24.05 10.45
N GLN B 50 14.18 -23.89 9.17
CA GLN B 50 15.55 -23.65 8.72
C GLN B 50 15.86 -22.16 8.51
N GLY B 51 14.90 -21.29 8.83
CA GLY B 51 15.09 -19.85 8.80
C GLY B 51 14.80 -19.25 7.42
N ASN B 52 14.16 -20.03 6.56
CA ASN B 52 13.88 -19.60 5.20
C ASN B 52 12.44 -19.22 4.99
N ARG B 53 12.22 -18.08 4.36
CA ARG B 53 10.86 -17.61 4.02
C ARG B 53 10.28 -18.26 2.75
N ILE B 54 11.07 -19.08 2.07
CA ILE B 54 10.55 -20.00 1.05
C ILE B 54 11.02 -21.44 1.35
N THR B 55 10.21 -22.41 0.95
CA THR B 55 10.43 -23.84 1.28
C THR B 55 10.38 -24.63 -0.02
N PRO B 56 11.42 -25.44 -0.31
CA PRO B 56 11.42 -26.24 -1.52
C PRO B 56 10.23 -27.21 -1.54
N SER B 57 9.60 -27.38 -2.70
CA SER B 57 8.47 -28.26 -2.82
C SER B 57 8.99 -29.67 -3.10
N TYR B 58 9.67 -30.22 -2.10
CA TYR B 58 10.45 -31.46 -2.20
C TYR B 58 10.03 -32.37 -1.08
N VAL B 59 9.85 -33.65 -1.40
CA VAL B 59 9.56 -34.69 -0.40
C VAL B 59 10.54 -35.83 -0.62
N ALA B 60 11.09 -36.39 0.47
CA ALA B 60 11.99 -37.53 0.36
C ALA B 60 11.65 -38.59 1.40
N PHE B 61 11.77 -39.86 1.03
CA PHE B 61 11.63 -40.95 1.99
C PHE B 61 12.98 -41.60 2.17
N THR B 62 13.44 -41.75 3.43
CA THR B 62 14.74 -42.33 3.71
C THR B 62 14.61 -43.84 3.90
N PRO B 63 15.73 -44.58 3.75
CA PRO B 63 15.68 -46.04 3.92
C PRO B 63 15.13 -46.46 5.29
N GLU B 64 15.38 -45.62 6.28
CA GLU B 64 14.86 -45.82 7.65
C GLU B 64 13.32 -45.63 7.74
N GLY B 65 12.71 -44.99 6.74
CA GLY B 65 11.26 -44.78 6.72
C GLY B 65 10.82 -43.38 7.14
N GLU B 66 11.77 -42.47 7.21
CA GLU B 66 11.49 -41.09 7.62
C GLU B 66 11.07 -40.30 6.39
N ARG B 67 9.98 -39.54 6.52
N ARG B 67 10.03 -39.47 6.53
CA ARG B 67 9.53 -38.64 5.47
CA ARG B 67 9.52 -38.66 5.46
C ARG B 67 10.19 -37.31 5.76
C ARG B 67 10.00 -37.22 5.64
N LEU B 68 10.90 -36.77 4.78
CA LEU B 68 11.48 -35.43 4.89
C LEU B 68 10.78 -34.52 3.91
N ILE B 69 10.49 -33.30 4.34
CA ILE B 69 9.80 -32.35 3.45
C ILE B 69 10.51 -31.01 3.48
N GLY B 70 10.67 -30.40 2.32
CA GLY B 70 11.28 -29.07 2.23
C GLY B 70 12.79 -29.10 2.13
N ASP B 71 13.44 -28.20 2.85
CA ASP B 71 14.91 -28.05 2.80
C ASP B 71 15.64 -29.36 3.10
N ALA B 72 15.17 -30.09 4.13
CA ALA B 72 15.80 -31.35 4.53
C ALA B 72 15.71 -32.42 3.42
N ALA B 73 14.67 -32.34 2.59
CA ALA B 73 14.51 -33.29 1.48
C ALA B 73 15.44 -32.89 0.32
N LYS B 74 15.41 -31.62 -0.05
CA LYS B 74 16.25 -31.12 -1.13
C LYS B 74 17.74 -31.24 -0.83
N ASN B 75 18.14 -31.06 0.44
CA ASN B 75 19.57 -31.01 0.80
C ASN B 75 20.07 -32.22 1.58
N GLN B 76 19.72 -33.43 1.14
CA GLN B 76 20.18 -34.64 1.85
C GLN B 76 21.71 -34.83 1.80
N THR B 78 23.13 -37.58 1.75
CA THR B 78 23.04 -38.98 1.35
C THR B 78 22.12 -39.14 0.12
N SER B 79 22.73 -39.31 -1.06
CA SER B 79 22.00 -39.34 -2.33
C SER B 79 20.84 -40.32 -2.28
N ASN B 80 19.73 -39.91 -2.87
CA ASN B 80 18.48 -40.65 -2.76
C ASN B 80 17.57 -40.29 -3.93
N PRO B 81 18.09 -40.36 -5.18
CA PRO B 81 17.33 -39.71 -6.25
C PRO B 81 16.02 -40.41 -6.59
N GLU B 82 15.96 -41.73 -6.40
CA GLU B 82 14.76 -42.50 -6.73
C GLU B 82 13.60 -42.22 -5.76
N ASN B 83 13.92 -41.94 -4.50
CA ASN B 83 12.90 -41.75 -3.48
C ASN B 83 12.82 -40.31 -3.00
N THR B 84 13.27 -39.39 -3.86
CA THR B 84 13.09 -37.94 -3.64
C THR B 84 12.14 -37.44 -4.73
N VAL B 85 11.05 -36.81 -4.32
CA VAL B 85 10.04 -36.38 -5.27
C VAL B 85 10.03 -34.86 -5.28
N PHE B 86 9.90 -34.31 -6.47
CA PHE B 86 9.78 -32.86 -6.65
C PHE B 86 9.04 -32.62 -7.95
N ASP B 87 8.75 -31.36 -8.27
CA ASP B 87 8.04 -31.00 -9.50
C ASP B 87 6.68 -31.73 -9.66
N ALA B 88 6.03 -32.12 -8.55
CA ALA B 88 4.68 -32.73 -8.63
C ALA B 88 3.63 -31.79 -9.25
N LYS B 89 3.88 -30.47 -9.20
CA LYS B 89 3.03 -29.48 -9.85
C LYS B 89 2.96 -29.64 -11.38
N ARG B 90 4.00 -30.21 -11.99
CA ARG B 90 3.99 -30.43 -13.44
C ARG B 90 3.01 -31.54 -13.81
N LEU B 91 2.61 -32.34 -12.81
CA LEU B 91 1.73 -33.51 -13.03
C LEU B 91 0.33 -33.39 -12.41
N ILE B 92 0.15 -32.48 -11.48
CA ILE B 92 -1.12 -32.42 -10.73
C ILE B 92 -2.29 -32.04 -11.65
N GLY B 93 -3.43 -32.71 -11.45
CA GLY B 93 -4.59 -32.46 -12.30
C GLY B 93 -4.45 -32.85 -13.78
N ARG B 94 -3.45 -33.67 -14.12
CA ARG B 94 -3.27 -34.15 -15.51
C ARG B 94 -3.45 -35.65 -15.62
N THR B 95 -3.80 -36.12 -16.80
CA THR B 95 -3.90 -37.56 -17.02
C THR B 95 -2.52 -38.10 -17.38
N TRP B 96 -2.34 -39.40 -17.17
CA TRP B 96 -1.10 -40.10 -17.49
C TRP B 96 -0.70 -39.87 -18.96
N ASN B 97 -1.66 -40.00 -19.87
CA ASN B 97 -1.37 -39.91 -21.30
C ASN B 97 -1.35 -38.46 -21.85
N ASP B 98 -1.54 -37.48 -20.98
CA ASP B 98 -1.35 -36.06 -21.39
C ASP B 98 0.05 -35.93 -21.98
N PRO B 99 0.15 -35.49 -23.24
CA PRO B 99 1.47 -35.33 -23.85
C PRO B 99 2.47 -34.55 -22.96
N SER B 100 1.97 -33.60 -22.19
CA SER B 100 2.84 -32.84 -21.29
C SER B 100 3.43 -33.73 -20.20
N VAL B 101 2.62 -34.65 -19.67
CA VAL B 101 3.08 -35.60 -18.68
C VAL B 101 4.12 -36.55 -19.29
N GLN B 102 3.82 -37.06 -20.47
CA GLN B 102 4.71 -38.02 -21.13
C GLN B 102 6.07 -37.42 -21.45
N GLN B 103 6.12 -36.13 -21.79
CA GLN B 103 7.43 -35.45 -21.93
C GLN B 103 8.13 -35.25 -20.59
N ASP B 104 7.40 -34.82 -19.58
CA ASP B 104 7.97 -34.49 -18.26
C ASP B 104 8.55 -35.68 -17.48
N ILE B 105 7.89 -36.83 -17.55
CA ILE B 105 8.41 -38.00 -16.84
C ILE B 105 9.78 -38.46 -17.36
N LYS B 106 10.13 -38.04 -18.57
CA LYS B 106 11.44 -38.35 -19.11
C LYS B 106 12.55 -37.69 -18.29
N PHE B 107 12.25 -36.53 -17.72
CA PHE B 107 13.26 -35.76 -17.01
C PHE B 107 13.29 -36.06 -15.52
N LEU B 108 12.27 -36.71 -14.99
CA LEU B 108 12.16 -36.92 -13.55
C LEU B 108 12.87 -38.23 -13.18
N PRO B 109 13.68 -38.20 -12.10
CA PRO B 109 14.47 -39.37 -11.68
C PRO B 109 13.70 -40.41 -10.85
N PHE B 110 12.51 -40.05 -10.36
CA PHE B 110 11.65 -40.95 -9.63
C PHE B 110 10.69 -41.61 -10.62
N LYS B 111 10.11 -42.73 -10.21
CA LYS B 111 9.22 -43.49 -11.06
C LYS B 111 7.81 -42.90 -11.07
N VAL B 112 7.24 -42.83 -12.29
CA VAL B 112 5.87 -42.37 -12.51
C VAL B 112 5.14 -43.46 -13.27
N VAL B 113 4.00 -43.89 -12.74
CA VAL B 113 3.25 -44.99 -13.31
C VAL B 113 1.78 -44.63 -13.49
N GLU B 114 1.15 -45.27 -14.47
CA GLU B 114 -0.25 -45.08 -14.73
C GLU B 114 -1.09 -45.79 -13.68
N LYS B 115 -1.86 -45.03 -12.92
CA LYS B 115 -2.87 -45.58 -12.03
C LYS B 115 -4.10 -44.70 -12.05
N LYS B 116 -5.27 -45.32 -12.16
CA LYS B 116 -6.54 -44.58 -12.14
C LYS B 116 -6.54 -43.41 -13.15
N THR B 117 -5.99 -43.68 -14.33
CA THR B 117 -5.88 -42.73 -15.46
C THR B 117 -4.85 -41.62 -15.28
N LYS B 118 -4.15 -41.64 -14.15
CA LYS B 118 -3.32 -40.52 -13.72
C LYS B 118 -1.87 -40.95 -13.54
N PRO B 119 -0.95 -39.98 -13.47
CA PRO B 119 0.46 -40.29 -13.26
C PRO B 119 0.78 -40.33 -11.78
N TYR B 120 0.80 -41.53 -11.18
CA TYR B 120 1.14 -41.70 -9.78
C TYR B 120 2.66 -41.82 -9.63
N ILE B 121 3.18 -41.32 -8.52
CA ILE B 121 4.61 -41.38 -8.24
C ILE B 121 4.85 -42.63 -7.40
N GLN B 122 5.84 -43.41 -7.77
CA GLN B 122 6.12 -44.68 -7.09
C GLN B 122 7.44 -44.55 -6.36
N VAL B 123 7.44 -44.77 -5.05
CA VAL B 123 8.69 -44.73 -4.26
C VAL B 123 8.81 -45.85 -3.22
N ASP B 124 10.03 -46.05 -2.73
CA ASP B 124 10.32 -46.93 -1.61
C ASP B 124 10.27 -46.09 -0.34
N ILE B 125 9.26 -46.32 0.50
CA ILE B 125 9.07 -45.50 1.72
C ILE B 125 9.91 -45.96 2.90
N GLY B 126 10.70 -47.01 2.70
CA GLY B 126 11.61 -47.49 3.72
C GLY B 126 11.59 -48.99 3.75
N GLY B 127 12.79 -49.59 3.89
CA GLY B 127 12.92 -51.04 4.00
C GLY B 127 12.46 -51.85 2.79
N GLY B 128 12.45 -51.23 1.61
CA GLY B 128 11.99 -51.92 0.42
C GLY B 128 10.48 -51.94 0.20
N GLN B 129 9.72 -51.21 1.03
CA GLN B 129 8.25 -51.16 0.87
C GLN B 129 7.90 -50.09 -0.13
N THR B 130 7.26 -50.50 -1.22
CA THR B 130 6.92 -49.54 -2.27
C THR B 130 5.49 -49.00 -2.05
N LYS B 131 5.33 -47.71 -2.30
CA LYS B 131 4.03 -47.05 -2.24
C LYS B 131 3.88 -46.14 -3.44
N THR B 132 2.65 -45.96 -3.88
CA THR B 132 2.35 -45.00 -4.91
C THR B 132 1.52 -43.86 -4.36
N PHE B 133 1.79 -42.67 -4.88
CA PHE B 133 1.16 -41.46 -4.43
C PHE B 133 0.68 -40.68 -5.62
N ALA B 134 -0.56 -40.19 -5.55
CA ALA B 134 -1.03 -39.31 -6.60
C ALA B 134 -0.29 -37.99 -6.45
N PRO B 135 -0.16 -37.23 -7.56
CA PRO B 135 0.50 -35.96 -7.44
C PRO B 135 -0.09 -35.09 -6.33
N GLU B 136 -1.41 -35.06 -6.20
CA GLU B 136 -2.03 -34.27 -5.10
C GLU B 136 -1.67 -34.76 -3.68
N GLU B 137 -1.33 -36.04 -3.53
CA GLU B 137 -0.86 -36.57 -2.24
C GLU B 137 0.54 -36.04 -1.88
N ILE B 138 1.39 -35.90 -2.89
CA ILE B 138 2.69 -35.29 -2.70
C ILE B 138 2.55 -33.80 -2.41
N SER B 139 1.77 -33.09 -3.20
CA SER B 139 1.48 -31.69 -2.91
C SER B 139 0.84 -31.51 -1.53
N ALA B 140 0.03 -32.47 -1.10
CA ALA B 140 -0.51 -32.47 0.25
C ALA B 140 0.57 -32.49 1.32
N MET B 141 1.67 -33.19 1.06
CA MET B 141 2.78 -33.24 2.02
C MET B 141 3.48 -31.90 2.09
N VAL B 142 3.65 -31.26 0.95
CA VAL B 142 4.20 -29.93 0.90
C VAL B 142 3.28 -28.97 1.65
N LEU B 143 1.98 -29.07 1.40
CA LEU B 143 1.05 -28.20 2.08
C LEU B 143 1.08 -28.43 3.56
N THR B 144 1.19 -29.69 3.99
CA THR B 144 1.32 -30.02 5.42
C THR B 144 2.54 -29.32 6.05
N LYS B 145 3.66 -29.33 5.35
CA LYS B 145 4.85 -28.61 5.83
C LYS B 145 4.57 -27.10 5.94
N MET B 146 3.85 -26.51 5.00
CA MET B 146 3.56 -25.07 5.09
C MET B 146 2.60 -24.77 6.25
N LYS B 147 1.62 -25.63 6.43
CA LYS B 147 0.70 -25.52 7.55
C LYS B 147 1.46 -25.57 8.89
N GLU B 148 2.37 -26.54 9.04
CA GLU B 148 3.17 -26.67 10.28
C GLU B 148 4.10 -25.48 10.45
N THR B 149 4.61 -24.93 9.36
CA THR B 149 5.36 -23.67 9.43
C THR B 149 4.49 -22.54 10.05
N ALA B 150 3.29 -22.36 9.53
CA ALA B 150 2.38 -21.34 10.05
C ALA B 150 1.95 -21.63 11.50
N GLU B 151 1.72 -22.90 11.82
CA GLU B 151 1.27 -23.27 13.16
C GLU B 151 2.36 -22.99 14.23
N ALA B 152 3.62 -23.22 13.88
CA ALA B 152 4.72 -22.93 14.81
C ALA B 152 4.77 -21.43 15.09
N TYR B 153 4.53 -20.63 14.04
CA TYR B 153 4.53 -19.17 14.15
C TYR B 153 3.36 -18.62 14.97
N LEU B 154 2.16 -19.19 14.75
CA LEU B 154 0.93 -18.71 15.35
C LEU B 154 0.69 -19.24 16.75
N GLY B 155 1.28 -20.40 17.06
CA GLY B 155 1.04 -21.08 18.33
C GLY B 155 -0.36 -21.62 18.48
N LYS B 156 -0.96 -21.99 17.35
CA LYS B 156 -2.27 -22.62 17.32
C LYS B 156 -2.45 -23.37 16.01
N LYS B 157 -3.50 -24.17 15.95
CA LYS B 157 -3.78 -24.97 14.77
C LYS B 157 -4.32 -24.12 13.60
N VAL B 158 -3.90 -24.50 12.40
CA VAL B 158 -4.34 -23.88 11.14
C VAL B 158 -5.20 -24.90 10.42
N THR B 159 -6.39 -24.47 9.99
CA THR B 159 -7.34 -25.37 9.35
C THR B 159 -7.82 -24.89 7.98
N HIS B 160 -7.65 -23.59 7.71
CA HIS B 160 -8.18 -23.00 6.50
C HIS B 160 -7.11 -22.21 5.76
N ALA B 161 -7.20 -22.25 4.43
CA ALA B 161 -6.22 -21.60 3.58
C ALA B 161 -6.81 -21.02 2.31
N VAL B 162 -6.13 -20.00 1.81
CA VAL B 162 -6.27 -19.51 0.45
C VAL B 162 -5.02 -20.04 -0.25
N VAL B 163 -5.22 -20.72 -1.37
CA VAL B 163 -4.12 -21.30 -2.13
C VAL B 163 -4.10 -20.75 -3.54
N THR B 164 -2.89 -20.51 -4.06
CA THR B 164 -2.71 -19.94 -5.39
C THR B 164 -2.34 -21.00 -6.43
N VAL B 165 -2.68 -20.72 -7.70
CA VAL B 165 -2.38 -21.59 -8.82
C VAL B 165 -2.01 -20.75 -10.01
N PRO B 166 -1.25 -21.32 -10.97
CA PRO B 166 -1.00 -20.51 -12.17
C PRO B 166 -2.28 -20.14 -12.90
N ALA B 167 -2.26 -19.00 -13.57
CA ALA B 167 -3.43 -18.53 -14.29
C ALA B 167 -3.91 -19.51 -15.37
N TYR B 168 -2.99 -20.27 -15.95
CA TYR B 168 -3.32 -21.23 -17.01
C TYR B 168 -3.92 -22.55 -16.48
N PHE B 169 -3.91 -22.75 -15.18
CA PHE B 169 -4.53 -23.95 -14.60
C PHE B 169 -5.98 -24.10 -15.04
N ASN B 170 -6.34 -25.33 -15.40
CA ASN B 170 -7.69 -25.63 -15.85
C ASN B 170 -8.52 -26.17 -14.68
N ASP B 171 -9.72 -26.66 -15.00
CA ASP B 171 -10.66 -27.12 -13.99
C ASP B 171 -10.05 -28.27 -13.20
N ALA B 172 -9.43 -29.21 -13.93
CA ALA B 172 -8.87 -30.41 -13.29
C ALA B 172 -7.66 -30.08 -12.38
N GLN B 173 -6.83 -29.15 -12.82
CA GLN B 173 -5.66 -28.74 -12.05
C GLN B 173 -6.05 -27.95 -10.79
N ARG B 174 -7.09 -27.13 -10.88
CA ARG B 174 -7.63 -26.38 -9.73
C ARG B 174 -8.21 -27.33 -8.71
N GLN B 175 -9.01 -28.26 -9.20
CA GLN B 175 -9.67 -29.21 -8.30
C GLN B 175 -8.67 -30.11 -7.58
N ALA B 176 -7.65 -30.57 -8.30
CA ALA B 176 -6.60 -31.38 -7.72
C ALA B 176 -5.81 -30.63 -6.63
N THR B 177 -5.63 -29.33 -6.81
CA THR B 177 -4.99 -28.49 -5.79
C THR B 177 -5.83 -28.36 -4.52
N LYS B 178 -7.14 -28.17 -4.69
CA LYS B 178 -8.05 -28.17 -3.58
C LYS B 178 -8.00 -29.51 -2.88
N ASP B 179 -7.96 -30.60 -3.65
CA ASP B 179 -7.88 -31.95 -3.07
C ASP B 179 -6.58 -32.16 -2.27
N ALA B 180 -5.47 -31.62 -2.78
CA ALA B 180 -4.20 -31.59 -2.04
C ALA B 180 -4.40 -30.96 -0.67
N GLY B 181 -5.08 -29.82 -0.65
CA GLY B 181 -5.46 -29.17 0.62
C GLY B 181 -6.25 -30.06 1.52
N THR B 182 -7.29 -30.70 0.98
CA THR B 182 -8.14 -31.57 1.79
C THR B 182 -7.34 -32.73 2.40
N ILE B 183 -6.47 -33.34 1.59
CA ILE B 183 -5.61 -34.44 2.08
C ILE B 183 -4.74 -33.95 3.23
N ALA B 184 -4.27 -32.72 3.13
CA ALA B 184 -3.45 -32.09 4.17
C ALA B 184 -4.26 -31.58 5.40
N GLY B 185 -5.57 -31.85 5.47
CA GLY B 185 -6.39 -31.35 6.58
C GLY B 185 -6.64 -29.85 6.52
N LEU B 186 -6.55 -29.28 5.32
CA LEU B 186 -6.84 -27.85 5.09
C LEU B 186 -8.14 -27.68 4.27
N ASN B 187 -9.01 -26.82 4.76
CA ASN B 187 -10.16 -26.37 3.99
C ASN B 187 -9.67 -25.25 3.10
N VAL B 188 -9.56 -25.50 1.81
CA VAL B 188 -9.13 -24.48 0.86
C VAL B 188 -10.33 -23.61 0.48
N MET B 189 -10.35 -22.42 1.06
CA MET B 189 -11.51 -21.53 0.98
C MET B 189 -11.62 -20.88 -0.39
N ARG B 190 -10.47 -20.58 -0.96
CA ARG B 190 -10.39 -19.96 -2.28
C ARG B 190 -9.15 -20.43 -3.00
N ILE B 191 -9.30 -20.70 -4.30
CA ILE B 191 -8.16 -20.84 -5.21
C ILE B 191 -8.08 -19.55 -6.00
N ILE B 192 -6.93 -18.88 -5.98
CA ILE B 192 -6.79 -17.64 -6.72
C ILE B 192 -5.58 -17.72 -7.63
N ASN B 193 -5.55 -16.90 -8.67
CA ASN B 193 -4.49 -16.97 -9.64
C ASN B 193 -3.20 -16.26 -9.16
N GLU B 194 -2.07 -16.92 -9.41
CA GLU B 194 -0.78 -16.38 -9.03
C GLU B 194 -0.54 -14.92 -9.43
N PRO B 195 -0.70 -14.56 -10.73
CA PRO B 195 -0.42 -13.18 -11.10
C PRO B 195 -1.39 -12.17 -10.45
N THR B 196 -2.60 -12.61 -10.19
CA THR B 196 -3.57 -11.78 -9.52
C THR B 196 -3.16 -11.55 -8.05
N ALA B 197 -2.77 -12.62 -7.39
CA ALA B 197 -2.21 -12.56 -6.03
C ALA B 197 -1.06 -11.54 -5.91
N ALA B 198 -0.13 -11.58 -6.86
CA ALA B 198 0.98 -10.62 -6.90
C ALA B 198 0.53 -9.17 -7.04
N ALA B 199 -0.44 -8.94 -7.93
CA ALA B 199 -1.03 -7.63 -8.13
C ALA B 199 -1.72 -7.15 -6.84
N ILE B 200 -2.44 -8.05 -6.19
CA ILE B 200 -3.10 -7.74 -4.90
C ILE B 200 -2.06 -7.36 -3.84
N ALA B 201 -0.94 -8.08 -3.85
CA ALA B 201 0.16 -7.80 -2.93
C ALA B 201 0.60 -6.35 -3.08
N TYR B 202 0.65 -5.89 -4.32
CA TYR B 202 1.03 -4.50 -4.60
C TYR B 202 -0.14 -3.49 -4.54
N GLY B 203 -1.30 -3.91 -4.07
CA GLY B 203 -2.46 -3.03 -3.91
C GLY B 203 -3.03 -2.48 -5.21
N LEU B 204 -2.78 -3.19 -6.31
CA LEU B 204 -3.23 -2.74 -7.63
C LEU B 204 -4.75 -2.94 -7.84
N ASP B 205 -5.39 -3.72 -6.95
CA ASP B 205 -6.85 -3.87 -6.93
C ASP B 205 -7.58 -2.61 -6.44
N LYS B 206 -6.88 -1.79 -5.65
CA LYS B 206 -7.46 -0.62 -5.00
C LYS B 206 -7.21 0.66 -5.79
N ARG B 207 -7.14 0.55 -7.11
CA ARG B 207 -6.80 1.69 -7.95
C ARG B 207 -7.74 1.73 -9.15
N GLU B 208 -8.33 2.89 -9.37
CA GLU B 208 -9.48 3.02 -10.26
C GLU B 208 -9.12 3.44 -11.66
N GLY B 209 -10.05 3.20 -12.57
CA GLY B 209 -9.80 3.26 -13.99
C GLY B 209 -9.44 1.87 -14.43
N GLU B 210 -9.61 1.58 -15.71
CA GLU B 210 -9.24 0.28 -16.24
C GLU B 210 -7.75 0.33 -16.55
N LYS B 211 -6.97 -0.51 -15.88
CA LYS B 211 -5.53 -0.54 -16.09
C LYS B 211 -5.10 -1.91 -16.61
N ASN B 212 -4.08 -1.91 -17.45
CA ASN B 212 -3.43 -3.11 -17.93
C ASN B 212 -2.20 -3.41 -17.09
N ILE B 213 -2.11 -4.65 -16.59
CA ILE B 213 -1.01 -5.08 -15.76
C ILE B 213 -0.26 -6.23 -16.46
N LEU B 214 1.05 -6.09 -16.60
CA LEU B 214 1.91 -7.17 -17.11
C LEU B 214 2.66 -7.79 -15.95
N VAL B 215 2.35 -9.05 -15.63
CA VAL B 215 3.06 -9.78 -14.60
C VAL B 215 4.11 -10.69 -15.25
N PHE B 216 5.35 -10.51 -14.87
CA PHE B 216 6.53 -11.20 -15.42
C PHE B 216 7.08 -12.04 -14.30
N ASP B 217 6.79 -13.33 -14.35
CA ASP B 217 7.08 -14.30 -13.27
C ASP B 217 8.14 -15.33 -13.68
N LEU B 218 9.38 -15.08 -13.27
CA LEU B 218 10.49 -15.96 -13.60
C LEU B 218 11.00 -16.62 -12.30
N GLY B 219 10.77 -17.90 -12.18
CA GLY B 219 11.06 -18.64 -10.96
C GLY B 219 12.16 -19.66 -11.10
N GLY B 220 11.97 -20.80 -10.45
CA GLY B 220 12.97 -21.87 -10.38
C GLY B 220 13.08 -22.70 -11.63
N GLY B 221 11.93 -23.17 -12.12
CA GLY B 221 11.90 -24.04 -13.30
C GLY B 221 10.91 -23.62 -14.37
N THR B 222 10.10 -22.62 -14.06
CA THR B 222 9.01 -22.16 -14.93
C THR B 222 9.04 -20.63 -15.12
N PHE B 223 8.68 -20.20 -16.32
CA PHE B 223 8.53 -18.79 -16.66
C PHE B 223 7.11 -18.56 -17.15
N ASP B 224 6.39 -17.65 -16.48
CA ASP B 224 5.00 -17.32 -16.81
C ASP B 224 4.85 -15.82 -16.98
N VAL B 225 4.27 -15.43 -18.11
CA VAL B 225 3.88 -14.04 -18.38
C VAL B 225 2.36 -13.98 -18.45
N SER B 226 1.75 -13.05 -17.72
CA SER B 226 0.29 -12.89 -17.69
C SER B 226 -0.09 -11.43 -17.91
N LEU B 227 -1.06 -11.19 -18.80
CA LEU B 227 -1.61 -9.85 -19.01
C LEU B 227 -2.92 -9.81 -18.26
N LEU B 228 -3.00 -8.94 -17.25
CA LEU B 228 -4.23 -8.77 -16.47
C LEU B 228 -4.82 -7.42 -16.80
N THR B 229 -6.13 -7.33 -16.77
CA THR B 229 -6.79 -6.05 -16.75
C THR B 229 -7.49 -5.94 -15.40
N ILE B 230 -7.50 -4.73 -14.86
CA ILE B 230 -8.15 -4.46 -13.60
C ILE B 230 -9.21 -3.41 -13.88
N ASP B 231 -10.41 -3.63 -13.35
CA ASP B 231 -11.49 -2.69 -13.50
C ASP B 231 -12.54 -3.00 -12.48
N ASN B 232 -12.93 -1.99 -11.71
CA ASN B 232 -13.95 -2.13 -10.67
C ASN B 232 -13.58 -3.26 -9.68
N GLY B 233 -12.28 -3.33 -9.37
CA GLY B 233 -11.75 -4.26 -8.38
C GLY B 233 -11.70 -5.71 -8.83
N VAL B 234 -12.11 -5.98 -10.06
CA VAL B 234 -12.13 -7.34 -10.57
C VAL B 234 -11.03 -7.49 -11.62
N PHE B 235 -10.21 -8.52 -11.46
CA PHE B 235 -9.17 -8.84 -12.42
C PHE B 235 -9.70 -9.80 -13.49
N GLU B 236 -9.23 -9.60 -14.72
CA GLU B 236 -9.48 -10.53 -15.79
C GLU B 236 -8.11 -10.96 -16.32
N VAL B 237 -7.91 -12.27 -16.44
CA VAL B 237 -6.73 -12.79 -17.11
C VAL B 237 -7.02 -12.79 -18.59
N VAL B 238 -6.31 -11.94 -19.32
CA VAL B 238 -6.61 -11.72 -20.74
C VAL B 238 -5.77 -12.60 -21.65
N ALA B 239 -4.51 -12.82 -21.26
CA ALA B 239 -3.59 -13.64 -22.04
C ALA B 239 -2.50 -14.17 -21.14
N THR B 240 -2.02 -15.37 -21.43
CA THR B 240 -0.88 -15.96 -20.74
C THR B 240 0.09 -16.60 -21.74
N ASN B 241 1.36 -16.59 -21.37
CA ASN B 241 2.40 -17.23 -22.17
C ASN B 241 3.60 -17.46 -21.26
N GLY B 242 4.72 -17.88 -21.83
CA GLY B 242 5.94 -18.11 -21.06
C GLY B 242 6.71 -19.29 -21.60
N ASP B 243 7.44 -19.96 -20.71
CA ASP B 243 8.20 -21.12 -21.06
C ASP B 243 8.12 -22.08 -19.86
N THR B 244 7.61 -23.28 -20.08
CA THR B 244 7.37 -24.22 -18.98
C THR B 244 8.67 -24.78 -18.38
N HIS B 245 9.77 -24.66 -19.12
CA HIS B 245 11.06 -25.19 -18.68
C HIS B 245 12.15 -24.14 -18.85
N LEU B 246 11.94 -23.00 -18.22
CA LEU B 246 12.94 -21.95 -18.18
C LEU B 246 12.85 -21.33 -16.82
N GLY B 247 13.96 -21.29 -16.10
CA GLY B 247 13.97 -20.66 -14.80
C GLY B 247 15.37 -20.66 -14.24
N GLY B 248 15.49 -20.31 -12.97
CA GLY B 248 16.77 -20.20 -12.32
C GLY B 248 17.59 -21.48 -12.30
N GLU B 249 16.92 -22.62 -12.32
CA GLU B 249 17.62 -23.91 -12.43
C GLU B 249 18.46 -23.97 -13.69
N ASP B 250 17.99 -23.33 -14.76
CA ASP B 250 18.73 -23.33 -16.03
C ASP B 250 19.93 -22.41 -15.96
N PHE B 251 19.83 -21.32 -15.21
CA PHE B 251 20.98 -20.41 -15.08
C PHE B 251 22.07 -21.09 -14.25
N ASP B 252 21.66 -21.81 -13.19
CA ASP B 252 22.59 -22.65 -12.40
C ASP B 252 23.32 -23.65 -13.29
N GLN B 253 22.58 -24.33 -14.16
CA GLN B 253 23.19 -25.35 -15.02
C GLN B 253 24.25 -24.78 -15.95
N ARG B 254 24.01 -23.58 -16.48
CA ARG B 254 25.00 -22.92 -17.31
C ARG B 254 26.26 -22.64 -16.51
N VAL B 255 26.09 -22.30 -15.24
CA VAL B 255 27.25 -22.05 -14.37
C VAL B 255 28.02 -23.34 -14.05
N MET B 256 27.26 -24.41 -13.80
N MET B 256 27.28 -24.43 -13.82
CA MET B 256 27.81 -25.75 -13.55
CA MET B 256 27.92 -25.70 -13.53
C MET B 256 28.66 -26.24 -14.73
C MET B 256 28.68 -26.27 -14.74
N GLU B 257 28.17 -26.05 -15.94
CA GLU B 257 28.87 -26.48 -17.16
C GLU B 257 30.21 -25.72 -17.28
N HIS B 258 30.16 -24.43 -17.01
CA HIS B 258 31.33 -23.57 -16.95
C HIS B 258 32.41 -24.05 -15.98
N PHE B 259 32.01 -24.35 -14.75
CA PHE B 259 32.99 -24.72 -13.72
C PHE B 259 33.49 -26.15 -13.85
N ILE B 260 32.65 -27.04 -14.37
CA ILE B 260 33.08 -28.38 -14.70
C ILE B 260 34.13 -28.35 -15.81
N LYS B 261 33.86 -27.60 -16.87
CA LYS B 261 34.81 -27.49 -17.98
C LYS B 261 36.12 -26.93 -17.47
N LEU B 262 36.06 -25.88 -16.68
CA LEU B 262 37.27 -25.27 -16.11
C LEU B 262 38.04 -26.27 -15.25
N TYR B 263 37.33 -27.01 -14.39
CA TYR B 263 37.98 -28.00 -13.53
C TYR B 263 38.72 -29.08 -14.35
N LYS B 264 38.18 -29.43 -15.51
CA LYS B 264 38.84 -30.37 -16.42
C LYS B 264 40.08 -29.73 -17.08
N LYS B 265 39.91 -28.50 -17.57
CA LYS B 265 41.01 -27.72 -18.10
C LYS B 265 42.16 -27.61 -17.07
N LYS B 266 41.81 -27.28 -15.83
CA LYS B 266 42.81 -27.02 -14.78
C LYS B 266 43.53 -28.29 -14.29
N THR B 267 42.75 -29.34 -13.98
CA THR B 267 43.28 -30.54 -13.32
C THR B 267 43.22 -31.81 -14.18
N GLY B 268 42.60 -31.73 -15.36
CA GLY B 268 42.46 -32.90 -16.24
C GLY B 268 41.36 -33.88 -15.85
N LYS B 269 40.62 -33.57 -14.77
CA LYS B 269 39.62 -34.50 -14.23
C LYS B 269 38.22 -34.04 -14.53
N ASP B 270 37.38 -34.98 -15.01
CA ASP B 270 35.99 -34.70 -15.33
C ASP B 270 35.16 -35.14 -14.14
N VAL B 271 34.59 -34.17 -13.43
CA VAL B 271 33.87 -34.44 -12.18
C VAL B 271 32.45 -34.94 -12.38
N ARG B 272 31.97 -34.95 -13.61
CA ARG B 272 30.65 -35.53 -13.90
C ARG B 272 30.65 -37.05 -13.66
N LYS B 273 31.84 -37.64 -13.54
CA LYS B 273 31.97 -39.04 -13.08
C LYS B 273 31.42 -39.30 -11.67
N ASP B 274 31.36 -38.27 -10.82
CA ASP B 274 30.94 -38.44 -9.42
C ASP B 274 29.78 -37.50 -9.07
N ASN B 275 28.59 -38.06 -8.90
CA ASN B 275 27.40 -37.24 -8.68
C ASN B 275 27.35 -36.53 -7.33
N ARG B 276 28.09 -37.05 -6.37
CA ARG B 276 28.18 -36.44 -5.05
C ARG B 276 28.90 -35.10 -5.18
N ALA B 277 29.97 -35.10 -5.97
CA ALA B 277 30.70 -33.87 -6.25
C ALA B 277 29.81 -32.89 -7.01
N VAL B 278 29.04 -33.40 -7.98
CA VAL B 278 28.15 -32.55 -8.77
C VAL B 278 27.10 -31.87 -7.87
N GLN B 279 26.46 -32.64 -7.00
CA GLN B 279 25.51 -32.09 -6.03
C GLN B 279 26.15 -30.99 -5.18
N LYS B 280 27.38 -31.23 -4.69
CA LYS B 280 28.08 -30.24 -3.85
C LYS B 280 28.24 -28.94 -4.61
N LEU B 281 28.72 -29.05 -5.85
CA LEU B 281 28.93 -27.88 -6.71
C LEU B 281 27.62 -27.18 -7.01
N ARG B 282 26.56 -27.95 -7.25
CA ARG B 282 25.27 -27.37 -7.55
C ARG B 282 24.80 -26.52 -6.39
N ARG B 283 24.96 -27.01 -5.16
CA ARG B 283 24.52 -26.23 -4.01
C ARG B 283 25.32 -24.93 -3.86
N GLU B 284 26.62 -24.97 -4.10
CA GLU B 284 27.44 -23.78 -3.95
C GLU B 284 27.17 -22.79 -5.09
N VAL B 285 26.92 -23.30 -6.29
CA VAL B 285 26.66 -22.46 -7.46
C VAL B 285 25.36 -21.69 -7.26
N GLU B 286 24.36 -22.38 -6.73
CA GLU B 286 23.08 -21.72 -6.40
C GLU B 286 23.28 -20.61 -5.37
N LYS B 287 24.12 -20.84 -4.36
CA LYS B 287 24.43 -19.79 -3.37
C LYS B 287 25.11 -18.61 -4.07
N ALA B 288 26.15 -18.89 -4.84
CA ALA B 288 26.89 -17.84 -5.54
C ALA B 288 25.97 -17.01 -6.42
N LYS B 289 25.16 -17.66 -7.25
CA LYS B 289 24.22 -16.96 -8.10
C LYS B 289 23.40 -15.99 -7.27
N ARG B 290 22.86 -16.44 -6.15
CA ARG B 290 22.07 -15.55 -5.31
C ARG B 290 22.90 -14.35 -4.83
N ALA B 291 24.15 -14.60 -4.43
CA ALA B 291 25.04 -13.54 -3.92
C ALA B 291 25.29 -12.49 -4.98
N LEU B 292 25.36 -12.93 -6.24
CA LEU B 292 25.61 -12.05 -7.36
C LEU B 292 24.44 -11.13 -7.70
N SER B 293 23.27 -11.35 -7.10
CA SER B 293 22.18 -10.39 -7.23
C SER B 293 22.39 -9.13 -6.36
N SER B 294 23.26 -9.23 -5.36
CA SER B 294 23.60 -8.08 -4.52
C SER B 294 25.08 -7.69 -4.59
N GLN B 295 25.95 -8.60 -5.07
CA GLN B 295 27.41 -8.34 -5.11
C GLN B 295 27.96 -8.60 -6.50
N HIS B 296 29.21 -8.20 -6.75
CA HIS B 296 29.80 -8.27 -8.09
C HIS B 296 30.69 -9.49 -8.34
N GLN B 297 31.02 -10.21 -7.27
CA GLN B 297 31.70 -11.49 -7.41
C GLN B 297 31.42 -12.35 -6.21
N ALA B 298 31.57 -13.65 -6.42
CA ALA B 298 31.31 -14.63 -5.38
C ALA B 298 32.34 -15.72 -5.54
N ARG B 299 32.72 -16.32 -4.43
CA ARG B 299 33.67 -17.44 -4.46
C ARG B 299 32.91 -18.70 -4.14
N ILE B 300 33.35 -19.80 -4.74
CA ILE B 300 32.79 -21.11 -4.50
C ILE B 300 33.92 -21.99 -3.98
N GLU B 301 33.77 -22.48 -2.75
CA GLU B 301 34.77 -23.31 -2.16
C GLU B 301 34.16 -24.62 -1.65
N ILE B 302 34.81 -25.71 -2.01
CA ILE B 302 34.37 -27.04 -1.62
C ILE B 302 35.57 -27.87 -1.17
N GLU B 303 35.56 -28.29 0.08
CA GLU B 303 36.57 -29.17 0.61
C GLU B 303 36.35 -30.59 0.07
N SER B 304 37.44 -31.27 -0.26
CA SER B 304 37.40 -32.66 -0.64
C SER B 304 36.34 -32.88 -1.70
N PHE B 305 36.44 -32.05 -2.74
CA PHE B 305 35.51 -32.00 -3.86
C PHE B 305 35.53 -33.27 -4.72
N TYR B 306 36.70 -33.62 -5.24
CA TYR B 306 36.84 -34.75 -6.15
C TYR B 306 38.18 -35.44 -5.92
N GLU B 307 38.13 -36.73 -5.60
CA GLU B 307 39.32 -37.52 -5.32
C GLU B 307 40.23 -36.85 -4.28
N GLY B 308 39.61 -36.26 -3.27
CA GLY B 308 40.33 -35.69 -2.12
C GLY B 308 40.85 -34.27 -2.30
N GLU B 309 40.68 -33.72 -3.50
CA GLU B 309 41.18 -32.39 -3.84
C GLU B 309 40.10 -31.31 -3.64
N ASP B 310 40.54 -30.11 -3.26
CA ASP B 310 39.63 -29.02 -2.98
C ASP B 310 39.30 -28.24 -4.24
N PHE B 311 38.13 -27.61 -4.24
CA PHE B 311 37.67 -26.75 -5.33
C PHE B 311 37.67 -25.34 -4.78
N SER B 312 38.20 -24.40 -5.57
CA SER B 312 38.19 -23.00 -5.19
C SER B 312 38.22 -22.12 -6.44
N GLU B 313 37.08 -21.55 -6.80
CA GLU B 313 37.00 -20.65 -7.93
C GLU B 313 36.10 -19.48 -7.59
N THR B 314 36.14 -18.46 -8.44
CA THR B 314 35.28 -17.30 -8.28
C THR B 314 34.41 -17.09 -9.52
N LEU B 315 33.24 -16.50 -9.32
CA LEU B 315 32.36 -16.15 -10.41
C LEU B 315 32.05 -14.68 -10.29
N THR B 316 32.28 -13.93 -11.36
CA THR B 316 31.91 -12.51 -11.39
C THR B 316 30.48 -12.38 -11.88
N ARG B 317 29.84 -11.24 -11.60
CA ARG B 317 28.49 -11.00 -12.09
C ARG B 317 28.49 -10.96 -13.60
N ALA B 318 29.52 -10.35 -14.18
CA ALA B 318 29.61 -10.23 -15.63
C ALA B 318 29.64 -11.60 -16.29
N LYS B 319 30.40 -12.53 -15.72
CA LYS B 319 30.55 -13.85 -16.32
C LYS B 319 29.25 -14.61 -16.19
N PHE B 320 28.61 -14.50 -15.02
CA PHE B 320 27.29 -15.04 -14.82
C PHE B 320 26.31 -14.53 -15.89
N GLU B 321 26.35 -13.22 -16.14
CA GLU B 321 25.48 -12.60 -17.15
C GLU B 321 25.82 -13.15 -18.53
N GLU B 322 27.13 -13.19 -18.85
CA GLU B 322 27.62 -13.70 -20.14
C GLU B 322 27.14 -15.13 -20.39
N LEU B 323 27.31 -15.99 -19.40
CA LEU B 323 26.90 -17.39 -19.53
C LEU B 323 25.41 -17.57 -19.84
N ASN B 324 24.58 -16.62 -19.41
CA ASN B 324 23.12 -16.80 -19.48
C ASN B 324 22.38 -15.77 -20.32
N MET B 325 23.11 -14.91 -21.02
CA MET B 325 22.48 -13.77 -21.68
C MET B 325 21.47 -14.19 -22.74
N ASP B 326 21.75 -15.27 -23.47
CA ASP B 326 20.79 -15.81 -24.44
C ASP B 326 19.47 -16.21 -23.76
N LEU B 327 19.56 -16.86 -22.59
CA LEU B 327 18.36 -17.24 -21.86
C LEU B 327 17.62 -16.03 -21.29
N PHE B 328 18.36 -15.05 -20.79
CA PHE B 328 17.75 -13.82 -20.27
C PHE B 328 16.93 -13.10 -21.36
N ARG B 329 17.50 -13.00 -22.56
CA ARG B 329 16.84 -12.33 -23.67
C ARG B 329 15.64 -13.10 -24.20
N SER B 330 15.68 -14.43 -24.08
CA SER B 330 14.60 -15.27 -24.60
C SER B 330 13.28 -15.01 -23.87
N THR B 331 13.35 -14.45 -22.66
CA THR B 331 12.14 -14.15 -21.88
C THR B 331 11.31 -13.02 -22.48
N MET B 332 11.89 -12.17 -23.33
CA MET B 332 11.11 -11.09 -23.96
C MET B 332 10.21 -11.59 -25.08
N LYS B 333 10.51 -12.76 -25.64
CA LYS B 333 9.70 -13.28 -26.74
C LYS B 333 8.26 -13.62 -26.30
N PRO B 334 8.07 -14.31 -25.17
CA PRO B 334 6.70 -14.53 -24.67
C PRO B 334 5.95 -13.26 -24.23
N VAL B 335 6.68 -12.23 -23.78
CA VAL B 335 6.05 -10.97 -23.38
C VAL B 335 5.48 -10.27 -24.62
N GLN B 336 6.29 -10.10 -25.65
CA GLN B 336 5.82 -9.55 -26.93
C GLN B 336 4.62 -10.35 -27.47
N LYS B 337 4.64 -11.67 -27.24
CA LYS B 337 3.61 -12.55 -27.76
C LYS B 337 2.27 -12.26 -27.07
N VAL B 338 2.27 -12.13 -25.73
CA VAL B 338 1.01 -11.84 -25.01
C VAL B 338 0.47 -10.46 -25.40
N LEU B 339 1.36 -9.50 -25.64
CA LEU B 339 0.95 -8.17 -26.02
C LEU B 339 0.14 -8.17 -27.31
N GLU B 340 0.61 -8.91 -28.32
CA GLU B 340 -0.09 -8.93 -29.62
C GLU B 340 -1.30 -9.87 -29.65
N ASP B 341 -1.31 -10.90 -28.82
CA ASP B 341 -2.53 -11.70 -28.62
C ASP B 341 -3.61 -10.82 -27.98
N SER B 342 -3.21 -10.05 -26.97
CA SER B 342 -4.06 -9.05 -26.32
C SER B 342 -4.34 -7.82 -27.22
N ASP B 343 -3.59 -7.69 -28.32
CA ASP B 343 -3.69 -6.54 -29.22
C ASP B 343 -3.41 -5.23 -28.50
N LEU B 344 -2.31 -5.23 -27.75
CA LEU B 344 -1.86 -4.08 -26.99
C LEU B 344 -0.48 -3.63 -27.44
N LYS B 345 -0.12 -2.42 -27.02
CA LYS B 345 1.22 -1.89 -27.25
C LYS B 345 1.94 -1.83 -25.91
N LYS B 346 3.25 -1.62 -25.96
CA LYS B 346 4.05 -1.52 -24.74
C LYS B 346 3.59 -0.33 -23.87
N SER B 347 3.32 0.80 -24.52
CA SER B 347 2.87 2.00 -23.82
C SER B 347 1.50 1.86 -23.13
N ASP B 348 0.72 0.83 -23.51
CA ASP B 348 -0.58 0.56 -22.87
C ASP B 348 -0.47 -0.09 -21.50
N ILE B 349 0.71 -0.61 -21.18
CA ILE B 349 0.91 -1.28 -19.91
C ILE B 349 1.09 -0.24 -18.82
N ASP B 350 0.24 -0.30 -17.81
CA ASP B 350 0.16 0.71 -16.76
C ASP B 350 0.97 0.31 -15.53
N GLU B 351 1.11 -1.00 -15.32
CA GLU B 351 1.83 -1.55 -14.18
C GLU B 351 2.58 -2.78 -14.63
N ILE B 352 3.82 -2.92 -14.14
CA ILE B 352 4.65 -4.09 -14.36
C ILE B 352 4.98 -4.65 -13.00
N VAL B 353 4.66 -5.91 -12.79
CA VAL B 353 4.91 -6.59 -11.53
C VAL B 353 5.89 -7.75 -11.79
N LEU B 354 7.04 -7.72 -11.12
CA LEU B 354 8.04 -8.80 -11.16
C LEU B 354 7.73 -9.82 -10.09
N VAL B 355 7.68 -11.08 -10.47
CA VAL B 355 7.41 -12.19 -9.54
C VAL B 355 8.46 -13.27 -9.80
N GLY B 356 8.74 -14.06 -8.78
CA GLY B 356 9.70 -15.15 -8.93
C GLY B 356 11.09 -14.78 -8.47
N GLY B 357 11.77 -15.73 -7.86
CA GLY B 357 13.09 -15.51 -7.28
C GLY B 357 14.13 -14.98 -8.25
N SER B 358 14.04 -15.40 -9.51
CA SER B 358 15.02 -15.04 -10.53
C SER B 358 14.89 -13.59 -11.02
N THR B 359 13.79 -12.92 -10.69
CA THR B 359 13.65 -11.50 -11.02
C THR B 359 14.48 -10.63 -10.07
N ARG B 360 15.06 -11.25 -9.03
CA ARG B 360 16.03 -10.55 -8.20
C ARG B 360 17.33 -10.31 -8.96
N ILE B 361 17.52 -11.01 -10.08
CA ILE B 361 18.74 -10.84 -10.91
C ILE B 361 18.77 -9.46 -11.59
N PRO B 362 19.78 -8.61 -11.26
CA PRO B 362 19.81 -7.25 -11.82
C PRO B 362 19.58 -7.20 -13.32
N LYS B 363 20.28 -8.06 -14.06
CA LYS B 363 20.15 -8.07 -15.51
C LYS B 363 18.73 -8.34 -15.97
N ILE B 364 18.01 -9.22 -15.27
CA ILE B 364 16.62 -9.48 -15.61
C ILE B 364 15.77 -8.21 -15.43
N GLN B 365 15.95 -7.50 -14.32
CA GLN B 365 15.22 -6.25 -14.06
C GLN B 365 15.52 -5.23 -15.14
N GLN B 366 16.79 -5.16 -15.55
CA GLN B 366 17.23 -4.22 -16.59
C GLN B 366 16.55 -4.50 -17.93
N LEU B 367 16.54 -5.76 -18.34
CA LEU B 367 15.94 -6.13 -19.64
C LEU B 367 14.42 -5.95 -19.66
N VAL B 368 13.75 -6.16 -18.54
CA VAL B 368 12.29 -5.95 -18.49
C VAL B 368 12.05 -4.45 -18.61
N LYS B 369 12.79 -3.66 -17.83
CA LYS B 369 12.67 -2.20 -17.85
C LYS B 369 12.98 -1.64 -19.25
N GLU B 370 14.02 -2.18 -19.89
CA GLU B 370 14.36 -1.77 -21.25
C GLU B 370 13.31 -2.18 -22.29
N PHE B 371 12.71 -3.36 -22.10
CA PHE B 371 11.62 -3.80 -22.95
C PHE B 371 10.47 -2.78 -22.90
N PHE B 372 10.17 -2.29 -21.69
CA PHE B 372 9.13 -1.27 -21.52
C PHE B 372 9.68 0.17 -21.54
N ASN B 373 10.68 0.40 -22.37
CA ASN B 373 11.15 1.75 -22.64
C ASN B 373 11.47 2.56 -21.39
N GLY B 374 12.04 1.91 -20.39
CA GLY B 374 12.47 2.57 -19.18
C GLY B 374 11.45 2.67 -18.08
N LYS B 375 10.26 2.08 -18.27
CA LYS B 375 9.22 2.13 -17.22
C LYS B 375 9.61 1.24 -16.02
N GLU B 376 9.50 1.81 -14.81
CA GLU B 376 9.87 1.10 -13.59
C GLU B 376 8.78 0.09 -13.18
N PRO B 377 9.17 -1.14 -12.80
CA PRO B 377 8.15 -2.03 -12.24
C PRO B 377 7.79 -1.66 -10.80
N SER B 378 6.71 -2.25 -10.30
CA SER B 378 6.40 -2.20 -8.88
C SER B 378 7.59 -2.64 -8.02
N ARG B 379 7.65 -2.10 -6.81
CA ARG B 379 8.81 -2.28 -5.93
C ARG B 379 8.40 -2.37 -4.48
N GLY B 380 9.03 -3.26 -3.72
CA GLY B 380 8.86 -3.27 -2.28
C GLY B 380 8.50 -4.61 -1.66
N ILE B 381 8.08 -5.56 -2.46
CA ILE B 381 7.78 -6.90 -1.96
C ILE B 381 8.78 -7.83 -2.64
N ASN B 382 9.39 -8.71 -1.86
CA ASN B 382 10.31 -9.72 -2.41
C ASN B 382 9.58 -10.58 -3.43
N PRO B 383 10.13 -10.71 -4.65
CA PRO B 383 9.32 -11.29 -5.73
C PRO B 383 8.98 -12.78 -5.54
N ASP B 384 9.85 -13.51 -4.85
CA ASP B 384 9.51 -14.89 -4.49
C ASP B 384 8.48 -15.00 -3.37
N GLU B 385 8.04 -13.88 -2.81
CA GLU B 385 7.06 -13.86 -1.73
C GLU B 385 5.74 -13.22 -2.14
N ALA B 386 5.74 -12.48 -3.25
CA ALA B 386 4.60 -11.66 -3.66
C ALA B 386 3.30 -12.46 -3.82
N VAL B 387 3.42 -13.71 -4.29
CA VAL B 387 2.25 -14.53 -4.52
C VAL B 387 1.64 -14.91 -3.19
N ALA B 388 2.45 -15.39 -2.23
CA ALA B 388 1.92 -15.73 -0.89
C ALA B 388 1.39 -14.49 -0.22
N TYR B 389 2.06 -13.35 -0.43
CA TYR B 389 1.68 -12.08 0.16
C TYR B 389 0.24 -11.74 -0.24
N GLY B 390 -0.06 -11.79 -1.53
CA GLY B 390 -1.42 -11.55 -2.01
C GLY B 390 -2.46 -12.53 -1.45
N ALA B 391 -2.08 -13.80 -1.37
CA ALA B 391 -2.94 -14.82 -0.74
C ALA B 391 -3.23 -14.50 0.71
N ALA B 392 -2.21 -14.00 1.42
CA ALA B 392 -2.33 -13.63 2.82
C ALA B 392 -3.22 -12.42 3.00
N VAL B 393 -3.18 -11.49 2.05
CA VAL B 393 -4.13 -10.37 2.05
C VAL B 393 -5.58 -10.89 2.07
N GLN B 394 -5.89 -11.83 1.18
CA GLN B 394 -7.25 -12.38 1.11
C GLN B 394 -7.58 -13.22 2.34
N ALA B 395 -6.58 -13.97 2.81
CA ALA B 395 -6.73 -14.77 4.03
C ALA B 395 -7.13 -13.89 5.22
N GLY B 396 -6.59 -12.68 5.32
CA GLY B 396 -6.92 -11.78 6.41
C GLY B 396 -8.38 -11.42 6.42
N VAL B 397 -8.91 -11.10 5.24
CA VAL B 397 -10.28 -10.72 5.11
C VAL B 397 -11.15 -11.88 5.55
N LEU B 398 -10.81 -13.07 5.10
CA LEU B 398 -11.60 -14.26 5.45
C LEU B 398 -11.45 -14.65 6.93
N SER B 399 -10.36 -14.19 7.55
CA SER B 399 -10.15 -14.41 8.98
C SER B 399 -10.94 -13.34 9.74
#